data_4OL0
#
_entry.id   4OL0
#
_cell.length_a   74.202
_cell.length_b   109.970
_cell.length_c   148.462
_cell.angle_alpha   90.00
_cell.angle_beta   90.00
_cell.angle_gamma   90.00
#
_symmetry.space_group_name_H-M   'P 21 21 21'
#
loop_
_entity.id
_entity.type
_entity.pdbx_description
1 polymer 'GTP-binding nuclear protein Ran'
2 polymer Transportin-3
3 non-polymer 'MAGNESIUM ION'
4 non-polymer "GUANOSINE-5'-TRIPHOSPHATE"
5 water water
#
loop_
_entity_poly.entity_id
_entity_poly.type
_entity_poly.pdbx_seq_one_letter_code
_entity_poly.pdbx_strand_id
1 'polypeptide(L)'
;MAAQGEPQVQFKLVLVGDGGTGKTTFVKRHLTGEFEKKYVATLGVEVHPLVFHTNRGPIKFNVWDTAGQEKFGGLRDGYY
IQAQCAIIMFDVTSRVTYKNVPNWHRDLVRVCENIPIVLCGNKVDIKDRKVKAKSIVFHRKKNLQYYDISAKSNYNFEKP
FLWLARKLIGDPNLEFVAMPALAPPEVVMDPALAAQYEHDLEVAQTTALPDEDDDL
;
A
2 'polypeptide(L)'
;GAKPTLQLVYQAVQALYHDPDPSGKERASFWLGELQRSVHAWEISDQLLQIRQDVESCYFAAQTMKMKIQTSFYELPTDS
HASLRDSLLTHIQNLKDLSPVIVTQLALAIADLALQMPSWKGCVQTLVEKYSNDVTSLPFLLEILTVLPEEVHSRSLRIG
ANRRTEIIEDLAFYSSTVVSLLMTCVEKAGTDEKMLMKVFRCLGSWFNLGVLDSNFMANNKLLALLFEVLQQDKTSSNLH
EAASDCVCSALYAIENVETNLPLAMQLFQGVLTLETAYHMAVAREDLDKVLNYCRIFTELCETFLEKIVCTPGQGLGDLR
TLELLLICAGHPQYEVVEISFNFWYRLGEHLYKTNDEVIHGIFKAYIQRLLHALARHCQLEPDHEGVPEETDDFGEFRMR
VSDLVKDLIFLIGSMECFAQLYSTLKEGNPPWEVTEAVLFIMAAIAKSVDPENNPTLVEVLEGVVRLPETVHTAVRYTSI
ELVGEMSEVVDRNPQFLDPVLGYLMKGLCEKPLASAAAKAIHNICSVCRDHMAQHFNGLLEIARSLDSFLLSPEAAVGLL
KGTALVLARLPLDKITECLSELCSVQVMALKKLLSQEPSNGISSDPTVFLDRLAVIFRHTNPIVENGQTHPCQKVIQEIW
PVLSETLNKHRADNRIVERCCRCLRFAVRCVGKGSAALLQPLVTQMVNVYHVHQHSCFLYLGSILVDEYGMEEGCRQGLL
DMLQALCIPTFQLLEQQNGLQNHPDTVDDLFRLATRFIQRSPVTLLRSQVVIPILQWAIASTTLDHRDANCSVMRFLRDL
IHTGVANDHEEDFELRKELIGQVMNQLGQQLVSQLLHTCCFCLPPYTLPDVAEVLWEIMQVDRPTFCRWLENSLKGLPKE
TTVGAVTVTHKQLTDFHKQVTSAEECKQVCWALRDFTRLFR
;
B
#
# COMPACT_ATOMS: atom_id res chain seq x y z
N GLN A 8 -5.38 30.37 14.50
CA GLN A 8 -4.38 29.33 14.28
C GLN A 8 -4.28 28.99 12.80
N VAL A 9 -3.06 28.77 12.32
CA VAL A 9 -2.82 28.38 10.94
C VAL A 9 -3.34 26.98 10.70
N GLN A 10 -4.25 26.83 9.73
CA GLN A 10 -4.85 25.53 9.46
C GLN A 10 -5.17 25.32 7.98
N PHE A 11 -5.22 24.04 7.57
CA PHE A 11 -5.50 23.69 6.18
C PHE A 11 -6.60 22.63 6.11
N LYS A 12 -7.29 22.58 4.96
CA LYS A 12 -8.28 21.53 4.71
C LYS A 12 -7.66 20.40 3.89
N LEU A 13 -7.62 19.21 4.47
CA LEU A 13 -7.04 18.05 3.81
C LEU A 13 -8.13 17.00 3.57
N VAL A 14 -8.34 16.63 2.32
CA VAL A 14 -9.35 15.62 1.99
C VAL A 14 -8.71 14.25 1.84
N LEU A 15 -9.03 13.35 2.77
CA LEU A 15 -8.45 12.01 2.76
C LEU A 15 -9.37 11.08 1.98
N VAL A 16 -8.79 10.49 0.94
CA VAL A 16 -9.52 9.78 -0.11
C VAL A 16 -8.85 8.45 -0.45
N GLY A 17 -9.64 7.47 -0.87
CA GLY A 17 -9.10 6.18 -1.26
C GLY A 17 -10.13 5.07 -1.17
N ASP A 18 -9.85 3.94 -1.83
CA ASP A 18 -10.74 2.80 -1.84
C ASP A 18 -11.05 2.31 -0.43
N GLY A 19 -12.13 1.55 -0.31
CA GLY A 19 -12.55 1.04 0.99
C GLY A 19 -11.60 0.02 1.55
N GLY A 20 -11.29 0.15 2.83
CA GLY A 20 -10.45 -0.81 3.53
C GLY A 20 -8.96 -0.64 3.25
N THR A 21 -8.58 0.53 2.74
CA THR A 21 -7.18 0.79 2.43
C THR A 21 -6.43 1.29 3.66
N GLY A 22 -7.17 1.75 4.67
CA GLY A 22 -6.59 2.14 5.95
C GLY A 22 -6.56 3.63 6.22
N LYS A 23 -7.56 4.36 5.71
CA LYS A 23 -7.63 5.81 5.89
C LYS A 23 -7.96 6.19 7.34
N THR A 24 -9.07 5.64 7.83
CA THR A 24 -9.52 5.93 9.19
C THR A 24 -8.50 5.46 10.21
N THR A 25 -7.91 4.29 9.97
CA THR A 25 -6.88 3.76 10.86
C THR A 25 -5.70 4.73 10.93
N PHE A 26 -5.26 5.18 9.76
CA PHE A 26 -4.21 6.18 9.63
C PHE A 26 -4.51 7.42 10.48
N VAL A 27 -5.62 8.08 10.17
CA VAL A 27 -6.00 9.30 10.90
C VAL A 27 -6.14 9.04 12.40
N LYS A 28 -6.76 7.92 12.73
CA LYS A 28 -7.02 7.57 14.12
C LYS A 28 -5.77 7.00 14.78
N ARG A 29 -4.76 6.71 13.98
CA ARG A 29 -3.44 6.39 14.53
C ARG A 29 -2.74 7.68 14.89
N HIS A 30 -2.83 8.68 14.02
CA HIS A 30 -2.27 9.99 14.33
C HIS A 30 -2.89 10.62 15.57
N LEU A 31 -4.22 10.60 15.67
CA LEU A 31 -4.88 10.87 16.93
C LEU A 31 -4.42 9.80 17.91
N THR A 32 -3.58 10.16 18.87
CA THR A 32 -2.91 9.20 19.74
C THR A 32 -3.82 8.06 20.19
N GLY A 33 -3.47 6.85 19.76
CA GLY A 33 -4.26 5.68 20.07
C GLY A 33 -3.61 4.39 19.62
N GLU A 34 -4.30 3.27 19.86
CA GLU A 34 -3.80 1.96 19.49
C GLU A 34 -3.84 1.77 17.97
N PHE A 35 -3.61 0.55 17.52
CA PHE A 35 -3.81 0.18 16.13
C PHE A 35 -5.16 -0.52 15.98
N GLU A 36 -6.11 0.16 15.34
CA GLU A 36 -7.45 -0.40 15.16
C GLU A 36 -7.43 -1.58 14.20
N LYS A 37 -7.75 -2.77 14.74
CA LYS A 37 -7.80 -3.98 13.94
C LYS A 37 -9.13 -4.08 13.21
N LYS A 38 -10.18 -3.51 13.81
CA LYS A 38 -11.52 -3.59 13.24
C LYS A 38 -11.64 -2.79 11.94
N TYR A 39 -12.51 -3.26 11.05
CA TYR A 39 -12.86 -2.51 9.85
C TYR A 39 -14.32 -2.07 9.88
N VAL A 40 -14.55 -0.88 10.40
CA VAL A 40 -15.87 -0.25 10.37
C VAL A 40 -15.87 0.81 9.28
N ALA A 41 -16.63 0.57 8.22
CA ALA A 41 -16.66 1.47 7.07
C ALA A 41 -17.15 2.86 7.46
N THR A 42 -16.48 3.87 6.92
CA THR A 42 -16.86 5.26 7.16
C THR A 42 -18.14 5.59 6.39
N LEU A 43 -19.00 6.39 7.01
CA LEU A 43 -20.24 6.85 6.38
C LEU A 43 -20.10 8.32 5.99
N GLY A 44 -19.91 8.57 4.69
CA GLY A 44 -19.78 9.92 4.19
C GLY A 44 -18.41 10.49 4.48
N VAL A 45 -18.31 11.27 5.53
CA VAL A 45 -17.04 11.86 5.94
C VAL A 45 -16.94 11.97 7.46
N GLU A 46 -15.73 11.83 7.96
CA GLU A 46 -15.44 12.16 9.36
C GLU A 46 -14.29 13.16 9.39
N VAL A 47 -14.55 14.33 9.95
CA VAL A 47 -13.55 15.38 10.05
C VAL A 47 -12.75 15.21 11.33
N HIS A 48 -11.42 15.20 11.19
CA HIS A 48 -10.53 15.03 12.33
C HIS A 48 -9.44 16.11 12.32
N PRO A 49 -9.31 16.88 13.41
CA PRO A 49 -8.23 17.86 13.49
C PRO A 49 -6.90 17.21 13.89
N LEU A 50 -5.85 17.43 13.09
CA LEU A 50 -4.52 16.94 13.42
C LEU A 50 -3.52 18.09 13.54
N VAL A 51 -2.94 18.24 14.73
CA VAL A 51 -1.97 19.30 14.97
C VAL A 51 -0.55 18.78 14.84
N PHE A 52 0.30 19.52 14.12
CA PHE A 52 1.70 19.17 13.96
C PHE A 52 2.58 20.33 14.38
N HIS A 53 3.42 20.10 15.39
CA HIS A 53 4.32 21.13 15.88
C HIS A 53 5.54 21.25 14.97
N THR A 54 5.88 22.47 14.58
CA THR A 54 7.02 22.73 13.72
C THR A 54 7.96 23.77 14.33
N ASN A 55 9.14 23.89 13.75
CA ASN A 55 10.12 24.89 14.16
C ASN A 55 9.57 26.31 14.09
N ARG A 56 8.47 26.49 13.38
CA ARG A 56 7.83 27.80 13.24
C ARG A 56 6.53 27.90 14.04
N GLY A 57 6.12 26.79 14.66
CA GLY A 57 4.89 26.76 15.43
C GLY A 57 3.99 25.61 15.02
N PRO A 58 2.76 25.59 15.56
CA PRO A 58 1.84 24.47 15.29
C PRO A 58 0.96 24.66 14.06
N ILE A 59 0.97 23.66 13.18
CA ILE A 59 0.07 23.62 12.02
C ILE A 59 -1.12 22.73 12.37
N LYS A 60 -2.25 22.98 11.71
CA LYS A 60 -3.46 22.19 11.93
C LYS A 60 -4.06 21.71 10.62
N PHE A 61 -4.07 20.40 10.42
CA PHE A 61 -4.73 19.80 9.27
C PHE A 61 -6.12 19.33 9.65
N ASN A 62 -7.14 19.96 9.06
CA ASN A 62 -8.50 19.48 9.15
C ASN A 62 -8.69 18.35 8.15
N VAL A 63 -8.57 17.12 8.64
CA VAL A 63 -8.60 15.96 7.77
C VAL A 63 -10.04 15.47 7.59
N TRP A 64 -10.56 15.69 6.39
CA TRP A 64 -11.85 15.13 5.99
C TRP A 64 -11.64 13.69 5.55
N ASP A 65 -11.82 12.75 6.48
CA ASP A 65 -11.66 11.34 6.18
C ASP A 65 -12.91 10.84 5.47
N THR A 66 -12.82 10.68 4.15
CA THR A 66 -14.00 10.31 3.37
C THR A 66 -14.15 8.80 3.23
N ALA A 67 -15.35 8.37 2.85
CA ALA A 67 -15.61 6.95 2.66
C ALA A 67 -15.05 6.49 1.31
N GLY A 68 -14.69 5.22 1.24
CA GLY A 68 -14.08 4.64 0.05
C GLY A 68 -15.05 3.75 -0.71
N GLN A 69 -16.02 3.19 0.01
CA GLN A 69 -17.01 2.32 -0.60
C GLN A 69 -18.12 3.13 -1.26
N GLU A 70 -18.48 2.73 -2.47
CA GLU A 70 -19.46 3.45 -3.28
C GLU A 70 -20.81 3.57 -2.56
N LYS A 71 -21.11 2.58 -1.72
CA LYS A 71 -22.41 2.49 -1.07
C LYS A 71 -22.53 3.45 0.13
N PHE A 72 -21.40 3.87 0.68
CA PHE A 72 -21.39 4.77 1.82
C PHE A 72 -20.63 6.06 1.53
N GLY A 73 -20.55 6.41 0.25
CA GLY A 73 -19.78 7.58 -0.17
C GLY A 73 -20.35 8.90 0.29
N GLY A 74 -21.67 9.03 0.27
CA GLY A 74 -22.32 10.28 0.63
C GLY A 74 -22.06 11.35 -0.42
N LEU A 75 -21.82 12.58 0.03
CA LEU A 75 -21.48 13.67 -0.88
C LEU A 75 -20.03 13.49 -1.33
N ARG A 76 -19.84 12.78 -2.43
CA ARG A 76 -18.49 12.37 -2.84
C ARG A 76 -17.63 13.59 -3.20
N ASP A 77 -17.93 14.23 -4.31
CA ASP A 77 -17.23 15.45 -4.70
C ASP A 77 -17.62 16.60 -3.78
N GLY A 78 -18.77 16.47 -3.14
CA GLY A 78 -19.32 17.51 -2.30
C GLY A 78 -18.40 17.93 -1.17
N TYR A 79 -17.51 17.04 -0.77
CA TYR A 79 -16.56 17.33 0.30
C TYR A 79 -15.30 18.02 -0.22
N TYR A 80 -15.00 17.80 -1.50
CA TYR A 80 -13.69 18.15 -2.05
C TYR A 80 -13.46 19.65 -2.23
N ILE A 81 -14.53 20.44 -2.28
CA ILE A 81 -14.38 21.87 -2.52
C ILE A 81 -13.62 22.53 -1.38
N GLN A 82 -12.98 23.66 -1.69
CA GLN A 82 -12.20 24.44 -0.72
C GLN A 82 -10.98 23.69 -0.17
N ALA A 83 -10.76 22.45 -0.62
CA ALA A 83 -9.66 21.65 -0.09
C ALA A 83 -8.34 22.20 -0.62
N GLN A 84 -7.35 22.24 0.27
CA GLN A 84 -6.05 22.85 -0.03
C GLN A 84 -4.98 21.78 -0.26
N CYS A 85 -5.30 20.54 0.06
CA CYS A 85 -4.40 19.42 -0.14
C CYS A 85 -5.17 18.11 -0.03
N ALA A 86 -4.50 17.00 -0.28
CA ALA A 86 -5.17 15.70 -0.27
C ALA A 86 -4.20 14.54 -0.09
N ILE A 87 -4.74 13.44 0.44
CA ILE A 87 -4.02 12.17 0.54
C ILE A 87 -4.82 11.11 -0.19
N ILE A 88 -4.23 10.54 -1.23
CA ILE A 88 -4.79 9.35 -1.88
C ILE A 88 -4.13 8.12 -1.28
N MET A 89 -4.93 7.18 -0.79
CA MET A 89 -4.39 5.97 -0.17
C MET A 89 -4.89 4.73 -0.89
N PHE A 90 -4.05 3.70 -0.90
CA PHE A 90 -4.43 2.42 -1.46
C PHE A 90 -3.71 1.30 -0.71
N ASP A 91 -4.03 0.06 -1.05
CA ASP A 91 -3.46 -1.11 -0.40
C ASP A 91 -2.43 -1.75 -1.32
N VAL A 92 -1.19 -1.89 -0.83
CA VAL A 92 -0.12 -2.47 -1.65
C VAL A 92 -0.33 -3.97 -1.85
N THR A 93 -1.26 -4.54 -1.08
CA THR A 93 -1.59 -5.97 -1.20
C THR A 93 -2.90 -6.15 -1.95
N SER A 94 -3.29 -5.14 -2.72
CA SER A 94 -4.51 -5.21 -3.53
C SER A 94 -4.40 -4.27 -4.73
N ARG A 95 -4.03 -4.83 -5.88
CA ARG A 95 -3.84 -4.04 -7.09
C ARG A 95 -5.11 -3.35 -7.54
N VAL A 96 -6.26 -3.84 -7.06
CA VAL A 96 -7.54 -3.24 -7.41
C VAL A 96 -7.61 -1.82 -6.85
N THR A 97 -7.07 -1.63 -5.65
CA THR A 97 -7.08 -0.32 -5.00
C THR A 97 -6.06 0.62 -5.63
N TYR A 98 -5.01 0.04 -6.20
CA TYR A 98 -3.98 0.82 -6.88
C TYR A 98 -4.46 1.22 -8.27
N LYS A 99 -5.23 0.33 -8.90
CA LYS A 99 -5.79 0.60 -10.22
C LYS A 99 -6.76 1.79 -10.21
N ASN A 100 -7.37 2.03 -9.06
CA ASN A 100 -8.38 3.10 -8.94
C ASN A 100 -7.82 4.43 -8.46
N VAL A 101 -6.49 4.52 -8.35
CA VAL A 101 -5.85 5.77 -7.93
C VAL A 101 -6.14 6.94 -8.88
N PRO A 102 -5.92 6.76 -10.19
CA PRO A 102 -6.13 7.90 -11.10
C PRO A 102 -7.59 8.36 -11.15
N ASN A 103 -8.52 7.49 -10.77
CA ASN A 103 -9.93 7.88 -10.68
C ASN A 103 -10.14 8.86 -9.52
N TRP A 104 -9.62 8.51 -8.35
CA TRP A 104 -9.64 9.42 -7.21
C TRP A 104 -8.91 10.71 -7.54
N HIS A 105 -7.76 10.55 -8.20
CA HIS A 105 -6.95 11.69 -8.62
C HIS A 105 -7.76 12.63 -9.50
N ARG A 106 -8.38 12.08 -10.54
CA ARG A 106 -9.22 12.86 -11.44
C ARG A 106 -10.39 13.48 -10.67
N ASP A 107 -10.97 12.71 -9.76
CA ASP A 107 -12.07 13.21 -8.94
C ASP A 107 -11.64 14.46 -8.17
N LEU A 108 -10.47 14.38 -7.54
CA LEU A 108 -9.95 15.52 -6.80
C LEU A 108 -9.62 16.71 -7.72
N VAL A 109 -8.91 16.44 -8.81
CA VAL A 109 -8.50 17.48 -9.73
C VAL A 109 -9.69 18.27 -10.28
N ARG A 110 -10.75 17.54 -10.63
CA ARG A 110 -11.96 18.16 -11.19
C ARG A 110 -12.58 19.20 -10.27
N VAL A 111 -12.26 19.14 -8.98
CA VAL A 111 -12.76 20.09 -8.00
C VAL A 111 -11.64 21.02 -7.53
N CYS A 112 -10.44 20.46 -7.38
CA CYS A 112 -9.28 21.20 -6.92
C CYS A 112 -8.19 21.17 -8.00
N GLU A 113 -8.07 22.27 -8.74
CA GLU A 113 -7.26 22.35 -9.95
C GLU A 113 -5.94 21.58 -9.89
N ASN A 114 -5.02 22.02 -9.03
CA ASN A 114 -3.72 21.38 -8.92
C ASN A 114 -3.12 21.53 -7.53
N ILE A 115 -3.91 21.21 -6.52
CA ILE A 115 -3.43 21.21 -5.14
C ILE A 115 -2.35 20.13 -4.98
N PRO A 116 -1.48 20.28 -3.96
CA PRO A 116 -0.49 19.24 -3.70
C PRO A 116 -1.14 17.95 -3.19
N ILE A 117 -0.74 16.81 -3.72
CA ILE A 117 -1.32 15.53 -3.33
C ILE A 117 -0.26 14.46 -3.11
N VAL A 118 -0.46 13.66 -2.07
CA VAL A 118 0.42 12.56 -1.74
C VAL A 118 -0.32 11.23 -1.91
N LEU A 119 0.30 10.32 -2.65
CA LEU A 119 -0.19 8.96 -2.76
C LEU A 119 0.49 8.11 -1.69
N CYS A 120 -0.32 7.44 -0.88
CA CYS A 120 0.19 6.63 0.23
C CYS A 120 -0.07 5.15 0.01
N GLY A 121 1.01 4.40 -0.18
CA GLY A 121 0.92 2.96 -0.31
C GLY A 121 0.92 2.32 1.06
N ASN A 122 -0.27 2.00 1.56
CA ASN A 122 -0.42 1.52 2.93
C ASN A 122 -0.24 0.01 3.02
N LYS A 123 -0.11 -0.48 4.25
CA LYS A 123 0.03 -1.91 4.55
C LYS A 123 1.29 -2.52 3.92
N VAL A 124 2.43 -1.83 4.06
CA VAL A 124 3.69 -2.35 3.55
C VAL A 124 4.38 -3.24 4.58
N ASP A 125 3.63 -3.63 5.60
CA ASP A 125 4.11 -4.60 6.58
C ASP A 125 3.71 -6.01 6.16
N ILE A 126 2.66 -6.12 5.35
CA ILE A 126 2.16 -7.41 4.91
C ILE A 126 3.03 -7.98 3.79
N LYS A 127 3.35 -9.27 3.92
CA LYS A 127 4.13 -10.00 2.91
C LYS A 127 3.43 -10.02 1.54
N ASP A 128 4.16 -10.49 0.53
CA ASP A 128 3.63 -10.61 -0.83
C ASP A 128 3.09 -9.28 -1.33
N ARG A 129 3.95 -8.28 -1.36
CA ARG A 129 3.60 -6.96 -1.86
C ARG A 129 3.32 -7.05 -3.36
N LYS A 130 2.08 -6.80 -3.74
CA LYS A 130 1.66 -6.92 -5.14
C LYS A 130 1.97 -5.63 -5.92
N VAL A 131 1.87 -4.50 -5.24
CA VAL A 131 2.20 -3.21 -5.84
C VAL A 131 3.52 -2.71 -5.25
N LYS A 132 4.57 -2.75 -6.07
CA LYS A 132 5.92 -2.44 -5.62
C LYS A 132 6.20 -0.94 -5.78
N ALA A 133 7.05 -0.41 -4.91
CA ALA A 133 7.36 1.02 -4.92
C ALA A 133 8.04 1.45 -6.21
N LYS A 134 8.82 0.56 -6.81
CA LYS A 134 9.56 0.88 -8.02
C LYS A 134 8.66 0.84 -9.27
N SER A 135 7.35 0.72 -9.05
CA SER A 135 6.38 0.68 -10.14
C SER A 135 5.59 1.98 -10.22
N ILE A 136 5.44 2.67 -9.09
CA ILE A 136 4.64 3.89 -9.04
C ILE A 136 5.25 4.99 -9.90
N VAL A 137 4.45 5.48 -10.86
CA VAL A 137 4.85 6.59 -11.72
C VAL A 137 3.87 7.75 -11.53
N PHE A 138 3.12 7.70 -10.43
CA PHE A 138 2.10 8.69 -10.12
C PHE A 138 2.70 10.05 -9.78
N HIS A 139 3.86 10.03 -9.12
CA HIS A 139 4.46 11.24 -8.58
C HIS A 139 5.53 11.83 -9.50
N ARG A 140 5.41 11.59 -10.79
CA ARG A 140 6.35 12.16 -11.75
C ARG A 140 6.22 13.68 -11.78
N LYS A 141 5.01 14.18 -11.59
CA LYS A 141 4.76 15.61 -11.61
C LYS A 141 5.20 16.27 -10.31
N LYS A 142 5.27 17.60 -10.33
CA LYS A 142 5.85 18.37 -9.24
C LYS A 142 4.96 18.44 -8.01
N ASN A 143 3.66 18.63 -8.23
CA ASN A 143 2.71 18.77 -7.14
C ASN A 143 2.30 17.43 -6.52
N LEU A 144 2.75 16.34 -7.12
CA LEU A 144 2.39 15.00 -6.66
C LEU A 144 3.56 14.33 -5.97
N GLN A 145 3.27 13.61 -4.89
CA GLN A 145 4.29 12.84 -4.16
C GLN A 145 3.78 11.43 -3.90
N TYR A 146 4.69 10.50 -3.62
CA TYR A 146 4.32 9.15 -3.20
C TYR A 146 5.10 8.74 -1.95
N TYR A 147 4.46 7.95 -1.10
CA TYR A 147 5.10 7.42 0.10
C TYR A 147 4.61 6.02 0.45
N ASP A 148 5.54 5.16 0.86
CA ASP A 148 5.19 3.92 1.52
C ASP A 148 4.89 4.22 2.98
N ILE A 149 3.75 3.75 3.47
CA ILE A 149 3.37 3.98 4.85
C ILE A 149 2.78 2.73 5.49
N SER A 150 2.80 2.71 6.81
CA SER A 150 2.25 1.60 7.56
C SER A 150 1.52 2.14 8.79
N ALA A 151 0.19 2.10 8.73
CA ALA A 151 -0.64 2.50 9.87
C ALA A 151 -0.42 1.57 11.06
N LYS A 152 0.18 0.41 10.80
CA LYS A 152 0.40 -0.58 11.84
C LYS A 152 1.71 -0.36 12.59
N SER A 153 2.77 -0.06 11.86
CA SER A 153 4.09 0.14 12.47
C SER A 153 4.51 1.61 12.50
N ASN A 154 3.58 2.51 12.19
CA ASN A 154 3.84 3.94 12.18
C ASN A 154 5.01 4.30 11.24
N TYR A 155 5.12 3.54 10.16
CA TYR A 155 6.20 3.77 9.19
C TYR A 155 5.86 4.93 8.27
N ASN A 156 6.70 5.97 8.30
CA ASN A 156 6.52 7.16 7.47
C ASN A 156 5.14 7.78 7.63
N PHE A 157 4.58 7.70 8.83
CA PHE A 157 3.20 8.14 9.05
C PHE A 157 3.07 9.66 9.06
N GLU A 158 4.11 10.36 9.50
CA GLU A 158 4.09 11.83 9.54
C GLU A 158 4.53 12.48 8.23
N LYS A 159 5.08 11.68 7.32
CA LYS A 159 5.74 12.20 6.13
C LYS A 159 4.81 12.93 5.15
N PRO A 160 3.64 12.35 4.86
CA PRO A 160 2.70 13.05 3.97
C PRO A 160 2.36 14.46 4.46
N PHE A 161 2.11 14.58 5.76
CA PHE A 161 1.76 15.86 6.35
C PHE A 161 2.95 16.83 6.33
N LEU A 162 4.16 16.30 6.48
CA LEU A 162 5.35 17.14 6.43
C LEU A 162 5.57 17.66 5.02
N TRP A 163 5.44 16.77 4.04
CA TRP A 163 5.58 17.16 2.64
C TRP A 163 4.53 18.20 2.27
N LEU A 164 3.28 17.90 2.58
CA LEU A 164 2.19 18.84 2.30
C LEU A 164 2.40 20.17 3.04
N ALA A 165 2.80 20.10 4.30
CA ALA A 165 3.05 21.30 5.10
C ALA A 165 4.14 22.15 4.44
N ARG A 166 5.23 21.49 4.04
CA ARG A 166 6.31 22.17 3.34
C ARG A 166 5.80 22.85 2.07
N LYS A 167 5.04 22.10 1.26
CA LYS A 167 4.49 22.64 0.02
C LYS A 167 3.54 23.80 0.28
N LEU A 168 2.70 23.66 1.30
CA LEU A 168 1.65 24.64 1.56
C LEU A 168 2.16 25.92 2.17
N ILE A 169 3.09 25.81 3.12
CA ILE A 169 3.63 26.99 3.78
C ILE A 169 4.68 27.67 2.89
N GLY A 170 5.42 26.87 2.13
CA GLY A 170 6.39 27.39 1.18
C GLY A 170 7.82 27.33 1.69
N ASP A 171 8.02 26.65 2.82
CA ASP A 171 9.36 26.47 3.38
C ASP A 171 9.83 25.04 3.17
N PRO A 172 10.83 24.84 2.30
CA PRO A 172 11.31 23.46 2.07
C PRO A 172 12.12 22.91 3.23
N ASN A 173 12.56 23.80 4.13
CA ASN A 173 13.36 23.40 5.28
C ASN A 173 12.52 23.28 6.55
N LEU A 174 11.21 23.19 6.39
CA LEU A 174 10.32 23.03 7.52
C LEU A 174 10.58 21.69 8.21
N GLU A 175 10.48 21.69 9.54
CA GLU A 175 10.72 20.49 10.34
C GLU A 175 9.60 20.26 11.34
N PHE A 176 9.40 19.01 11.73
CA PHE A 176 8.45 18.67 12.79
C PHE A 176 9.18 18.55 14.13
N VAL A 177 8.52 19.01 15.19
CA VAL A 177 9.07 18.93 16.54
C VAL A 177 8.08 18.23 17.47
N ALA A 178 8.36 18.24 18.77
CA ALA A 178 7.50 17.59 19.75
C ALA A 178 7.66 18.24 21.13
N MET A 179 6.57 18.69 21.75
CA MET A 179 5.21 18.64 21.21
C MET A 179 4.32 19.61 21.97
N ALA B 2 -40.50 13.65 2.48
CA ALA B 2 -40.80 15.05 2.77
C ALA B 2 -39.77 15.97 2.11
N LYS B 3 -40.17 17.21 1.85
CA LYS B 3 -39.28 18.21 1.24
C LYS B 3 -38.97 19.32 2.25
N PRO B 4 -37.69 19.75 2.33
CA PRO B 4 -37.35 20.81 3.28
C PRO B 4 -37.46 22.21 2.68
N THR B 5 -37.39 23.23 3.53
CA THR B 5 -37.32 24.61 3.07
C THR B 5 -35.91 24.90 2.57
N LEU B 6 -35.77 25.84 1.65
CA LEU B 6 -34.49 26.10 1.00
C LEU B 6 -33.44 26.64 1.98
N GLN B 7 -33.85 27.55 2.85
CA GLN B 7 -32.90 28.19 3.75
C GLN B 7 -32.38 27.20 4.79
N LEU B 8 -33.14 26.12 5.02
CA LEU B 8 -32.67 25.03 5.86
C LEU B 8 -31.53 24.30 5.14
N VAL B 9 -31.72 24.08 3.84
CA VAL B 9 -30.68 23.49 3.00
C VAL B 9 -29.45 24.39 3.04
N TYR B 10 -29.66 25.70 2.89
CA TYR B 10 -28.58 26.66 2.98
C TYR B 10 -27.88 26.62 4.34
N GLN B 11 -28.67 26.50 5.41
CA GLN B 11 -28.10 26.30 6.74
C GLN B 11 -27.22 25.06 6.74
N ALA B 12 -27.71 23.97 6.17
CA ALA B 12 -26.97 22.72 6.11
C ALA B 12 -25.67 22.85 5.31
N VAL B 13 -25.73 23.51 4.16
CA VAL B 13 -24.54 23.71 3.33
C VAL B 13 -23.51 24.56 4.07
N GLN B 14 -23.96 25.70 4.58
CA GLN B 14 -23.12 26.58 5.38
C GLN B 14 -22.46 25.81 6.50
N ALA B 15 -23.27 25.08 7.26
CA ALA B 15 -22.78 24.27 8.37
C ALA B 15 -21.74 23.28 7.91
N LEU B 16 -22.05 22.57 6.83
CA LEU B 16 -21.12 21.59 6.26
C LEU B 16 -19.77 22.23 5.97
N TYR B 17 -19.79 23.36 5.27
CA TYR B 17 -18.56 23.98 4.80
C TYR B 17 -17.89 24.97 5.75
N HIS B 18 -18.59 25.44 6.79
CA HIS B 18 -18.03 26.46 7.68
C HIS B 18 -18.17 26.24 9.19
N ASP B 19 -18.88 25.21 9.62
CA ASP B 19 -18.97 24.93 11.05
C ASP B 19 -17.65 24.35 11.55
N PRO B 20 -16.94 25.08 12.45
CA PRO B 20 -15.65 24.56 12.92
C PRO B 20 -15.77 23.22 13.64
N ASP B 21 -16.93 22.96 14.23
CA ASP B 21 -17.17 21.72 14.98
C ASP B 21 -17.32 20.53 14.02
N PRO B 22 -16.42 19.53 14.13
CA PRO B 22 -16.51 18.36 13.24
C PRO B 22 -17.87 17.65 13.30
N SER B 23 -18.41 17.51 14.51
CA SER B 23 -19.70 16.87 14.70
C SER B 23 -20.77 17.55 13.85
N GLY B 24 -20.82 18.88 13.93
CA GLY B 24 -21.77 19.65 13.15
C GLY B 24 -21.62 19.39 11.66
N LYS B 25 -20.37 19.41 11.18
CA LYS B 25 -20.08 19.10 9.79
C LYS B 25 -20.64 17.74 9.42
N GLU B 26 -20.42 16.76 10.30
CA GLU B 26 -20.92 15.40 10.07
C GLU B 26 -22.46 15.36 10.04
N ARG B 27 -23.11 16.06 10.96
CA ARG B 27 -24.56 16.17 10.97
C ARG B 27 -25.05 16.72 9.63
N ALA B 28 -24.50 17.87 9.25
CA ALA B 28 -24.86 18.52 8.00
C ALA B 28 -24.62 17.58 6.81
N SER B 29 -23.49 16.89 6.84
CA SER B 29 -23.16 15.93 5.80
C SER B 29 -24.23 14.85 5.69
N PHE B 30 -24.64 14.31 6.84
CA PHE B 30 -25.69 13.30 6.86
C PHE B 30 -27.01 13.86 6.30
N TRP B 31 -27.42 15.01 6.82
CA TRP B 31 -28.66 15.63 6.39
C TRP B 31 -28.67 15.87 4.87
N LEU B 32 -27.66 16.57 4.39
CA LEU B 32 -27.49 16.78 2.95
C LEU B 32 -27.35 15.44 2.24
N GLY B 33 -26.77 14.48 2.95
CA GLY B 33 -26.63 13.13 2.45
C GLY B 33 -27.98 12.54 2.08
N GLU B 34 -28.91 12.59 3.02
CA GLU B 34 -30.26 12.08 2.77
C GLU B 34 -31.18 13.14 2.17
N LEU B 35 -30.69 14.37 2.00
CA LEU B 35 -31.40 15.32 1.15
C LEU B 35 -31.22 14.90 -0.29
N GLN B 36 -30.00 14.52 -0.65
CA GLN B 36 -29.79 13.76 -1.87
C GLN B 36 -30.47 12.43 -1.65
N ARG B 37 -30.25 11.45 -2.52
CA ARG B 37 -30.72 10.09 -2.24
C ARG B 37 -32.26 10.00 -2.18
N SER B 38 -32.94 11.15 -2.24
CA SER B 38 -34.39 11.19 -2.12
C SER B 38 -34.99 11.46 -3.49
N VAL B 39 -36.22 11.96 -3.52
CA VAL B 39 -36.87 12.29 -4.78
C VAL B 39 -36.91 13.81 -5.01
N HIS B 40 -36.62 14.58 -3.96
CA HIS B 40 -36.90 16.01 -3.96
C HIS B 40 -35.73 16.90 -4.35
N ALA B 41 -34.50 16.39 -4.31
CA ALA B 41 -33.33 17.24 -4.54
C ALA B 41 -33.17 17.65 -6.00
N TRP B 42 -33.95 17.03 -6.90
CA TRP B 42 -34.02 17.54 -8.28
C TRP B 42 -34.47 18.99 -8.22
N GLU B 43 -35.69 19.16 -7.71
CA GLU B 43 -36.30 20.47 -7.55
C GLU B 43 -35.41 21.39 -6.73
N ILE B 44 -34.94 20.90 -5.58
CA ILE B 44 -34.10 21.70 -4.69
C ILE B 44 -32.86 22.20 -5.42
N SER B 45 -32.07 21.27 -5.95
CA SER B 45 -30.84 21.64 -6.67
C SER B 45 -31.14 22.60 -7.82
N ASP B 46 -32.20 22.34 -8.56
CA ASP B 46 -32.64 23.25 -9.62
C ASP B 46 -32.84 24.66 -9.05
N GLN B 47 -33.61 24.74 -7.97
CA GLN B 47 -33.87 26.03 -7.31
C GLN B 47 -32.57 26.67 -6.81
N LEU B 48 -31.68 25.86 -6.25
CA LEU B 48 -30.41 26.36 -5.74
C LEU B 48 -29.55 26.87 -6.88
N LEU B 49 -29.69 26.26 -8.05
CA LEU B 49 -28.99 26.72 -9.24
C LEU B 49 -29.62 28.00 -9.80
N GLN B 50 -30.95 28.08 -9.77
CA GLN B 50 -31.63 29.29 -10.23
C GLN B 50 -31.20 30.51 -9.40
N ILE B 51 -31.23 30.36 -8.08
CA ILE B 51 -30.73 31.40 -7.18
C ILE B 51 -29.20 31.37 -7.21
N ARG B 52 -28.57 32.51 -6.97
CA ARG B 52 -27.10 32.60 -6.96
C ARG B 52 -26.60 33.45 -5.81
N GLN B 53 -26.61 32.89 -4.60
CA GLN B 53 -26.17 33.63 -3.42
C GLN B 53 -24.66 33.47 -3.22
N ASP B 54 -24.11 32.33 -3.63
CA ASP B 54 -22.68 32.10 -3.52
C ASP B 54 -22.23 30.92 -4.40
N VAL B 55 -20.93 30.65 -4.36
CA VAL B 55 -20.34 29.57 -5.16
C VAL B 55 -20.66 28.21 -4.59
N GLU B 56 -20.76 28.13 -3.27
CA GLU B 56 -20.85 26.86 -2.57
C GLU B 56 -22.21 26.19 -2.76
N SER B 57 -23.28 26.96 -2.61
CA SER B 57 -24.62 26.42 -2.83
C SER B 57 -24.75 25.94 -4.27
N CYS B 58 -24.25 26.74 -5.20
CA CYS B 58 -24.28 26.38 -6.61
C CYS B 58 -23.46 25.12 -6.88
N TYR B 59 -22.29 25.05 -6.27
CA TYR B 59 -21.44 23.87 -6.42
C TYR B 59 -22.14 22.63 -5.89
N PHE B 60 -22.69 22.73 -4.68
CA PHE B 60 -23.40 21.63 -4.06
C PHE B 60 -24.60 21.23 -4.92
N ALA B 61 -25.29 22.22 -5.47
CA ALA B 61 -26.44 21.97 -6.32
C ALA B 61 -26.05 21.22 -7.59
N ALA B 62 -25.03 21.73 -8.29
CA ALA B 62 -24.56 21.12 -9.53
C ALA B 62 -24.05 19.71 -9.26
N GLN B 63 -23.27 19.58 -8.19
CA GLN B 63 -22.73 18.29 -7.78
C GLN B 63 -23.87 17.34 -7.44
N THR B 64 -24.90 17.86 -6.79
CA THR B 64 -26.09 17.07 -6.48
C THR B 64 -26.76 16.60 -7.77
N MET B 65 -26.96 17.53 -8.71
CA MET B 65 -27.56 17.19 -10.00
C MET B 65 -26.79 16.08 -10.69
N LYS B 66 -25.49 16.30 -10.88
CA LYS B 66 -24.63 15.30 -11.49
C LYS B 66 -24.75 13.98 -10.75
N MET B 67 -24.65 14.05 -9.43
CA MET B 67 -24.74 12.86 -8.58
C MET B 67 -26.08 12.18 -8.74
N LYS B 68 -27.13 12.98 -8.91
CA LYS B 68 -28.48 12.45 -8.92
C LYS B 68 -28.84 11.81 -10.25
N ILE B 69 -28.38 12.39 -11.35
CA ILE B 69 -28.64 11.78 -12.66
C ILE B 69 -27.84 10.50 -12.88
N GLN B 70 -26.88 10.23 -11.99
CA GLN B 70 -26.06 9.02 -12.09
C GLN B 70 -26.36 8.04 -10.96
N THR B 71 -26.85 8.53 -9.82
CA THR B 71 -27.19 7.64 -8.72
C THR B 71 -28.69 7.31 -8.69
N SER B 72 -29.47 7.96 -9.56
CA SER B 72 -30.91 7.70 -9.63
C SER B 72 -31.50 8.18 -10.95
N PHE B 73 -31.21 7.47 -12.03
CA PHE B 73 -31.71 7.82 -13.36
C PHE B 73 -32.97 7.02 -13.71
N TYR B 74 -33.21 5.95 -12.98
CA TYR B 74 -34.30 5.03 -13.31
C TYR B 74 -35.63 5.49 -12.73
N GLU B 75 -35.60 6.56 -11.94
CA GLU B 75 -36.83 7.16 -11.41
C GLU B 75 -37.32 8.25 -12.35
N LEU B 76 -36.75 8.32 -13.55
CA LEU B 76 -36.97 9.43 -14.46
C LEU B 76 -37.98 9.07 -15.54
N PRO B 77 -39.13 9.79 -15.61
CA PRO B 77 -40.06 9.51 -16.70
C PRO B 77 -39.48 9.93 -18.06
N THR B 78 -39.60 9.05 -19.04
CA THR B 78 -38.93 9.21 -20.34
C THR B 78 -39.14 10.59 -20.96
N ASP B 79 -40.37 10.88 -21.37
CA ASP B 79 -40.69 12.07 -22.15
C ASP B 79 -40.22 13.38 -21.50
N SER B 80 -39.95 13.35 -20.20
CA SER B 80 -39.55 14.57 -19.48
C SER B 80 -38.06 14.86 -19.61
N HIS B 81 -37.28 13.83 -19.96
CA HIS B 81 -35.82 13.95 -20.05
C HIS B 81 -35.40 15.20 -20.82
N ALA B 82 -36.11 15.46 -21.91
CA ALA B 82 -35.84 16.60 -22.79
C ALA B 82 -35.67 17.90 -22.02
N SER B 83 -36.41 18.05 -20.92
CA SER B 83 -36.39 19.28 -20.15
C SER B 83 -35.14 19.41 -19.29
N LEU B 84 -34.54 18.27 -18.94
CA LEU B 84 -33.37 18.30 -18.07
C LEU B 84 -32.16 18.83 -18.84
N ARG B 85 -31.89 18.20 -19.99
CA ARG B 85 -30.82 18.63 -20.88
C ARG B 85 -30.87 20.13 -21.08
N ASP B 86 -32.06 20.65 -21.33
CA ASP B 86 -32.25 22.08 -21.56
C ASP B 86 -31.95 22.89 -20.29
N SER B 87 -32.16 22.28 -19.13
CA SER B 87 -31.96 22.98 -17.87
C SER B 87 -30.46 23.13 -17.61
N LEU B 88 -29.76 21.99 -17.59
CA LEU B 88 -28.31 21.97 -17.44
C LEU B 88 -27.63 22.88 -18.45
N LEU B 89 -28.15 22.88 -19.67
CA LEU B 89 -27.64 23.78 -20.72
C LEU B 89 -27.92 25.23 -20.37
N THR B 90 -28.99 25.49 -19.62
CA THR B 90 -29.32 26.85 -19.21
C THR B 90 -28.43 27.27 -18.06
N HIS B 91 -28.43 26.46 -17.00
CA HIS B 91 -27.61 26.73 -15.83
C HIS B 91 -26.17 26.99 -16.24
N ILE B 92 -25.57 26.05 -16.97
CA ILE B 92 -24.19 26.21 -17.40
C ILE B 92 -24.03 27.41 -18.33
N GLN B 93 -25.13 27.93 -18.85
CA GLN B 93 -25.08 29.10 -19.71
C GLN B 93 -25.07 30.38 -18.86
N ASN B 94 -25.53 30.27 -17.62
CA ASN B 94 -25.67 31.43 -16.75
C ASN B 94 -24.55 31.47 -15.70
N LEU B 95 -24.13 30.30 -15.25
CA LEU B 95 -23.08 30.19 -14.26
C LEU B 95 -21.73 29.97 -14.93
N LYS B 96 -21.60 30.48 -16.15
CA LYS B 96 -20.37 30.37 -16.92
C LYS B 96 -19.16 30.95 -16.19
N ASP B 97 -19.23 32.25 -15.92
CA ASP B 97 -18.10 32.98 -15.38
C ASP B 97 -18.24 33.26 -13.88
N LEU B 98 -18.74 32.27 -13.15
CA LEU B 98 -18.79 32.34 -11.68
C LEU B 98 -17.60 31.59 -11.09
N SER B 99 -17.57 30.28 -11.33
CA SER B 99 -16.46 29.46 -10.87
C SER B 99 -16.39 28.17 -11.71
N PRO B 100 -15.17 27.81 -12.18
CA PRO B 100 -15.04 26.66 -13.08
C PRO B 100 -15.45 25.33 -12.47
N VAL B 101 -15.45 25.22 -11.14
CA VAL B 101 -15.83 23.97 -10.48
C VAL B 101 -17.32 23.69 -10.71
N ILE B 102 -18.13 24.74 -10.67
CA ILE B 102 -19.56 24.62 -10.94
C ILE B 102 -19.76 24.20 -12.40
N VAL B 103 -19.08 24.89 -13.29
CA VAL B 103 -19.08 24.55 -14.71
C VAL B 103 -18.67 23.10 -14.90
N THR B 104 -17.68 22.66 -14.13
CA THR B 104 -17.19 21.29 -14.21
C THR B 104 -18.26 20.30 -13.77
N GLN B 105 -18.88 20.55 -12.63
CA GLN B 105 -19.94 19.66 -12.14
C GLN B 105 -21.10 19.62 -13.14
N LEU B 106 -21.49 20.78 -13.67
CA LEU B 106 -22.55 20.83 -14.68
C LEU B 106 -22.13 20.10 -15.95
N ALA B 107 -20.85 20.23 -16.32
CA ALA B 107 -20.33 19.52 -17.48
C ALA B 107 -20.44 18.02 -17.27
N LEU B 108 -20.03 17.58 -16.08
CA LEU B 108 -20.14 16.18 -15.69
C LEU B 108 -21.59 15.71 -15.79
N ALA B 109 -22.49 16.53 -15.26
CA ALA B 109 -23.92 16.22 -15.33
C ALA B 109 -24.37 16.03 -16.79
N ILE B 110 -24.11 17.04 -17.63
CA ILE B 110 -24.49 16.97 -19.03
C ILE B 110 -23.93 15.70 -19.70
N ALA B 111 -22.64 15.44 -19.51
CA ALA B 111 -22.00 14.26 -20.10
C ALA B 111 -22.66 12.96 -19.63
N ASP B 112 -22.74 12.81 -18.31
CA ASP B 112 -23.32 11.60 -17.72
C ASP B 112 -24.75 11.38 -18.21
N LEU B 113 -25.49 12.47 -18.37
CA LEU B 113 -26.83 12.38 -18.92
C LEU B 113 -26.77 11.98 -20.39
N ALA B 114 -25.83 12.55 -21.12
CA ALA B 114 -25.66 12.24 -22.54
C ALA B 114 -25.38 10.76 -22.76
N LEU B 115 -24.47 10.20 -21.97
CA LEU B 115 -24.10 8.80 -22.14
C LEU B 115 -25.24 7.79 -21.97
N GLN B 116 -26.16 8.04 -21.04
CA GLN B 116 -27.13 7.00 -20.67
C GLN B 116 -28.57 7.34 -21.06
N MET B 117 -28.75 8.20 -22.06
CA MET B 117 -30.05 8.41 -22.68
C MET B 117 -29.87 8.43 -24.19
N PRO B 118 -30.59 7.55 -24.91
CA PRO B 118 -30.44 7.52 -26.37
C PRO B 118 -31.42 8.45 -27.10
N SER B 119 -31.17 9.76 -27.00
CA SER B 119 -31.80 10.72 -27.90
C SER B 119 -30.98 10.70 -29.18
N TRP B 120 -31.02 9.56 -29.85
CA TRP B 120 -30.02 9.14 -30.82
C TRP B 120 -29.51 10.24 -31.78
N LYS B 121 -28.20 10.45 -31.87
CA LYS B 121 -27.24 9.95 -30.89
C LYS B 121 -27.50 10.71 -29.59
N GLY B 122 -27.59 12.05 -29.63
CA GLY B 122 -27.22 12.91 -30.74
C GLY B 122 -26.25 13.95 -30.24
N CYS B 123 -26.05 13.95 -28.92
CA CYS B 123 -25.58 15.09 -28.15
C CYS B 123 -24.32 15.81 -28.65
N VAL B 124 -23.29 15.07 -29.02
CA VAL B 124 -22.03 15.69 -29.41
C VAL B 124 -22.21 16.70 -30.55
N GLN B 125 -22.66 16.21 -31.70
CA GLN B 125 -22.84 17.03 -32.88
C GLN B 125 -23.77 18.23 -32.64
N THR B 126 -24.76 18.07 -31.75
CA THR B 126 -25.72 19.15 -31.48
C THR B 126 -25.07 20.19 -30.59
N LEU B 127 -24.43 19.74 -29.52
CA LEU B 127 -23.66 20.59 -28.64
C LEU B 127 -22.68 21.43 -29.45
N VAL B 128 -21.92 20.75 -30.30
CA VAL B 128 -20.98 21.43 -31.18
C VAL B 128 -21.71 22.42 -32.09
N GLU B 129 -22.66 21.93 -32.87
CA GLU B 129 -23.34 22.78 -33.85
C GLU B 129 -24.10 23.94 -33.19
N LYS B 130 -24.46 23.78 -31.93
CA LYS B 130 -25.16 24.84 -31.20
C LYS B 130 -24.19 25.85 -30.59
N TYR B 131 -23.13 25.37 -29.94
CA TYR B 131 -22.25 26.24 -29.17
C TYR B 131 -20.88 26.51 -29.81
N SER B 132 -20.64 26.04 -31.03
CA SER B 132 -19.34 26.19 -31.66
C SER B 132 -19.07 27.65 -32.06
N ASN B 133 -19.98 28.23 -32.83
CA ASN B 133 -19.80 29.59 -33.34
C ASN B 133 -19.64 30.61 -32.23
N ASP B 134 -20.50 30.53 -31.22
CA ASP B 134 -20.43 31.42 -30.07
C ASP B 134 -19.16 31.12 -29.27
N VAL B 135 -18.22 32.07 -29.27
CA VAL B 135 -16.92 31.85 -28.65
C VAL B 135 -17.01 31.86 -27.13
N THR B 136 -17.83 32.75 -26.58
CA THR B 136 -17.94 32.88 -25.13
C THR B 136 -18.47 31.60 -24.48
N SER B 137 -19.02 30.69 -25.28
CA SER B 137 -19.52 29.42 -24.79
C SER B 137 -18.52 28.28 -25.00
N LEU B 138 -17.44 28.55 -25.73
CA LEU B 138 -16.47 27.50 -26.05
C LEU B 138 -15.78 26.88 -24.83
N PRO B 139 -15.48 27.69 -23.80
CA PRO B 139 -14.78 27.12 -22.65
C PRO B 139 -15.51 25.96 -21.98
N PHE B 140 -16.81 26.09 -21.74
CA PHE B 140 -17.55 25.00 -21.10
C PHE B 140 -17.90 23.92 -22.11
N LEU B 141 -17.94 24.28 -23.38
CA LEU B 141 -18.16 23.30 -24.44
C LEU B 141 -16.97 22.33 -24.50
N LEU B 142 -15.77 22.88 -24.42
CA LEU B 142 -14.57 22.05 -24.43
C LEU B 142 -14.49 21.21 -23.16
N GLU B 143 -14.98 21.76 -22.06
CA GLU B 143 -15.02 21.04 -20.79
C GLU B 143 -15.79 19.74 -20.97
N ILE B 144 -17.06 19.87 -21.35
CA ILE B 144 -17.92 18.73 -21.63
C ILE B 144 -17.20 17.70 -22.50
N LEU B 145 -16.75 18.13 -23.67
CA LEU B 145 -16.05 17.24 -24.60
C LEU B 145 -14.81 16.62 -23.96
N THR B 146 -14.27 17.26 -22.93
CA THR B 146 -13.06 16.75 -22.28
C THR B 146 -13.45 15.67 -21.29
N VAL B 147 -14.68 15.72 -20.79
CA VAL B 147 -15.09 14.87 -19.69
C VAL B 147 -15.93 13.69 -20.20
N LEU B 148 -16.32 13.75 -21.47
CA LEU B 148 -17.17 12.71 -22.05
C LEU B 148 -16.45 11.36 -22.18
N PRO B 149 -15.21 11.37 -22.69
CA PRO B 149 -14.51 10.07 -22.76
C PRO B 149 -14.10 9.56 -21.40
N GLU B 150 -13.89 10.47 -20.45
CA GLU B 150 -13.45 10.12 -19.11
C GLU B 150 -14.57 9.43 -18.32
N GLU B 151 -15.81 9.86 -18.56
CA GLU B 151 -16.95 9.34 -17.81
C GLU B 151 -17.45 8.02 -18.37
N VAL B 152 -16.87 7.56 -19.47
CA VAL B 152 -17.18 6.24 -20.01
C VAL B 152 -16.73 5.18 -19.01
N HIS B 153 -15.47 5.29 -18.59
CA HIS B 153 -14.88 4.36 -17.64
C HIS B 153 -14.98 4.90 -16.22
N SER B 154 -16.17 5.39 -15.87
CA SER B 154 -16.41 5.96 -14.55
C SER B 154 -16.96 4.91 -13.60
N ARG B 155 -16.73 5.12 -12.30
CA ARG B 155 -17.18 4.20 -11.27
C ARG B 155 -18.66 4.39 -10.95
N SER B 156 -19.08 5.64 -10.85
CA SER B 156 -20.44 5.97 -10.42
C SER B 156 -21.50 5.59 -11.47
N LEU B 157 -21.08 5.46 -12.72
CA LEU B 157 -22.02 5.17 -13.80
C LEU B 157 -22.64 3.79 -13.64
N ARG B 158 -23.85 3.64 -14.18
CA ARG B 158 -24.71 2.50 -13.91
C ARG B 158 -25.23 1.91 -15.21
N ILE B 159 -24.41 1.09 -15.87
CA ILE B 159 -24.70 0.65 -17.23
C ILE B 159 -24.09 -0.72 -17.55
N GLY B 160 -24.72 -1.43 -18.47
CA GLY B 160 -24.28 -2.76 -18.87
C GLY B 160 -22.86 -2.81 -19.38
N ALA B 161 -22.26 -4.01 -19.33
CA ALA B 161 -20.88 -4.19 -19.75
C ALA B 161 -20.72 -4.02 -21.26
N ASN B 162 -21.62 -4.62 -22.03
CA ASN B 162 -21.58 -4.51 -23.48
C ASN B 162 -21.83 -3.08 -23.94
N ARG B 163 -22.66 -2.35 -23.21
CA ARG B 163 -23.02 -0.99 -23.57
C ARG B 163 -21.79 -0.10 -23.71
N ARG B 164 -20.83 -0.27 -22.81
CA ARG B 164 -19.60 0.53 -22.84
C ARG B 164 -18.86 0.32 -24.14
N THR B 165 -18.75 -0.93 -24.57
CA THR B 165 -18.02 -1.26 -25.79
C THR B 165 -18.66 -0.62 -27.03
N GLU B 166 -19.99 -0.57 -27.06
CA GLU B 166 -20.70 0.02 -28.19
C GLU B 166 -20.81 1.54 -28.04
N ILE B 167 -20.62 2.05 -26.83
CA ILE B 167 -20.53 3.49 -26.60
C ILE B 167 -19.16 3.99 -27.04
N ILE B 168 -18.13 3.22 -26.71
CA ILE B 168 -16.77 3.55 -27.09
C ILE B 168 -16.61 3.60 -28.61
N GLU B 169 -17.44 2.85 -29.31
CA GLU B 169 -17.40 2.81 -30.77
C GLU B 169 -17.89 4.12 -31.38
N ASP B 170 -18.72 4.86 -30.64
CA ASP B 170 -19.25 6.13 -31.11
C ASP B 170 -18.25 7.26 -30.98
N LEU B 171 -17.62 7.36 -29.82
CA LEU B 171 -16.67 8.44 -29.58
C LEU B 171 -15.55 8.37 -30.61
N ALA B 172 -15.13 7.14 -30.94
CA ALA B 172 -14.15 6.92 -32.00
C ALA B 172 -14.67 7.48 -33.32
N PHE B 173 -15.99 7.46 -33.49
CA PHE B 173 -16.63 8.03 -34.67
C PHE B 173 -16.57 9.56 -34.60
N TYR B 174 -16.88 10.12 -33.44
CA TYR B 174 -16.87 11.57 -33.26
C TYR B 174 -15.48 12.20 -33.16
N SER B 175 -14.47 11.35 -32.92
CA SER B 175 -13.06 11.77 -32.92
C SER B 175 -12.72 12.88 -33.92
N SER B 176 -12.90 12.58 -35.20
CA SER B 176 -12.56 13.51 -36.27
C SER B 176 -13.25 14.86 -36.09
N THR B 177 -14.54 14.82 -35.80
CA THR B 177 -15.32 16.04 -35.60
C THR B 177 -14.77 16.85 -34.43
N VAL B 178 -14.42 16.16 -33.35
CA VAL B 178 -13.77 16.84 -32.22
C VAL B 178 -12.45 17.47 -32.66
N VAL B 179 -11.65 16.73 -33.42
CA VAL B 179 -10.39 17.25 -33.93
C VAL B 179 -10.62 18.51 -34.78
N SER B 180 -11.63 18.48 -35.63
CA SER B 180 -11.99 19.63 -36.45
C SER B 180 -12.37 20.81 -35.56
N LEU B 181 -13.22 20.56 -34.58
CA LEU B 181 -13.61 21.58 -33.61
C LEU B 181 -12.37 22.21 -32.96
N LEU B 182 -11.46 21.37 -32.47
CA LEU B 182 -10.24 21.87 -31.85
C LEU B 182 -9.40 22.66 -32.84
N MET B 183 -9.27 22.16 -34.06
CA MET B 183 -8.53 22.87 -35.10
C MET B 183 -9.22 24.19 -35.44
N THR B 184 -10.53 24.25 -35.23
CA THR B 184 -11.27 25.49 -35.39
C THR B 184 -11.14 26.36 -34.15
N CYS B 185 -10.93 25.73 -32.99
CA CYS B 185 -10.80 26.46 -31.73
C CYS B 185 -9.48 27.21 -31.59
N VAL B 186 -8.51 26.90 -32.45
CA VAL B 186 -7.23 27.62 -32.44
C VAL B 186 -7.27 28.79 -33.42
N GLU B 187 -8.21 28.75 -34.35
CA GLU B 187 -8.42 29.83 -35.30
C GLU B 187 -9.01 31.04 -34.56
N LYS B 188 -10.22 30.87 -34.04
CA LYS B 188 -10.78 31.86 -33.12
C LYS B 188 -10.01 31.72 -31.82
N ALA B 189 -9.93 32.80 -31.05
CA ALA B 189 -9.09 32.83 -29.86
C ALA B 189 -7.68 32.36 -30.23
N GLY B 190 -7.19 31.30 -29.60
CA GLY B 190 -5.89 30.75 -29.95
C GLY B 190 -4.72 31.58 -29.43
N THR B 191 -4.95 32.88 -29.29
CA THR B 191 -3.95 33.80 -28.75
C THR B 191 -4.13 33.91 -27.24
N ASP B 192 -4.86 32.96 -26.66
CA ASP B 192 -5.11 32.91 -25.23
C ASP B 192 -4.68 31.55 -24.69
N GLU B 193 -3.77 31.56 -23.73
CA GLU B 193 -3.21 30.33 -23.19
C GLU B 193 -4.26 29.43 -22.55
N LYS B 194 -5.16 30.03 -21.78
CA LYS B 194 -6.21 29.28 -21.09
C LYS B 194 -7.11 28.54 -22.08
N MET B 195 -7.10 28.97 -23.33
CA MET B 195 -7.85 28.29 -24.39
C MET B 195 -7.06 27.11 -24.94
N LEU B 196 -5.80 27.36 -25.28
CA LEU B 196 -4.93 26.31 -25.80
C LEU B 196 -4.76 25.19 -24.79
N MET B 197 -4.71 25.54 -23.51
CA MET B 197 -4.61 24.55 -22.44
C MET B 197 -5.85 23.65 -22.43
N LYS B 198 -7.03 24.26 -22.61
CA LYS B 198 -8.27 23.50 -22.72
C LYS B 198 -8.27 22.62 -23.97
N VAL B 199 -7.81 23.19 -25.08
CA VAL B 199 -7.69 22.45 -26.32
C VAL B 199 -6.79 21.22 -26.12
N PHE B 200 -5.65 21.43 -25.46
CA PHE B 200 -4.71 20.34 -25.23
C PHE B 200 -5.26 19.30 -24.26
N ARG B 201 -5.95 19.75 -23.21
CA ARG B 201 -6.59 18.82 -22.29
C ARG B 201 -7.61 17.95 -23.02
N CYS B 202 -8.48 18.60 -23.78
CA CYS B 202 -9.49 17.89 -24.56
C CYS B 202 -8.82 16.91 -25.52
N LEU B 203 -7.82 17.40 -26.24
CA LEU B 203 -7.09 16.56 -27.18
C LEU B 203 -6.47 15.37 -26.46
N GLY B 204 -5.92 15.63 -25.29
CA GLY B 204 -5.27 14.60 -24.50
C GLY B 204 -6.23 13.53 -24.03
N SER B 205 -7.40 13.95 -23.55
CA SER B 205 -8.39 12.99 -23.05
C SER B 205 -9.16 12.27 -24.16
N TRP B 206 -8.81 12.53 -25.42
CA TRP B 206 -9.49 11.93 -26.57
C TRP B 206 -8.58 10.97 -27.34
N PHE B 207 -7.32 10.86 -26.93
CA PHE B 207 -6.34 10.09 -27.70
C PHE B 207 -6.56 8.58 -27.61
N ASN B 208 -7.17 8.12 -26.52
CA ASN B 208 -7.43 6.70 -26.35
C ASN B 208 -8.37 6.15 -27.43
N LEU B 209 -9.06 7.05 -28.12
CA LEU B 209 -10.03 6.69 -29.14
C LEU B 209 -9.54 7.04 -30.55
N GLY B 210 -8.34 7.57 -30.64
CA GLY B 210 -7.77 7.96 -31.93
C GLY B 210 -7.53 6.78 -32.84
N VAL B 211 -7.95 6.91 -34.09
CA VAL B 211 -7.80 5.85 -35.09
C VAL B 211 -6.93 6.32 -36.26
N LEU B 212 -6.95 7.63 -36.52
CA LEU B 212 -6.19 8.21 -37.62
C LEU B 212 -5.94 9.68 -37.35
N ASP B 213 -5.23 10.34 -38.26
CA ASP B 213 -4.94 11.77 -38.15
C ASP B 213 -4.20 12.09 -36.85
N ASN B 219 -1.38 12.71 -40.60
CA ASN B 219 -1.46 13.60 -39.45
C ASN B 219 -2.01 14.96 -39.83
N ASN B 220 -2.07 15.88 -38.87
CA ASN B 220 -2.54 17.23 -39.12
C ASN B 220 -1.86 18.26 -38.20
N LYS B 221 -2.39 19.47 -38.19
CA LYS B 221 -1.68 20.62 -37.60
C LYS B 221 -1.65 20.65 -36.08
N LEU B 222 -2.57 19.93 -35.43
CA LEU B 222 -2.67 20.00 -33.98
C LEU B 222 -1.42 19.46 -33.27
N LEU B 223 -0.86 18.37 -33.79
CA LEU B 223 0.38 17.83 -33.25
C LEU B 223 1.53 18.80 -33.50
N ALA B 224 1.59 19.35 -34.70
CA ALA B 224 2.62 20.31 -35.07
C ALA B 224 2.58 21.51 -34.13
N LEU B 225 1.39 22.00 -33.85
CA LEU B 225 1.21 23.09 -32.89
C LEU B 225 1.63 22.63 -31.50
N LEU B 226 1.15 21.45 -31.12
CA LEU B 226 1.45 20.87 -29.81
C LEU B 226 2.96 20.82 -29.56
N PHE B 227 3.72 20.43 -30.57
CA PHE B 227 5.17 20.39 -30.45
C PHE B 227 5.79 21.78 -30.60
N GLU B 228 5.22 22.60 -31.47
CA GLU B 228 5.73 23.96 -31.65
C GLU B 228 5.69 24.73 -30.33
N VAL B 229 4.61 24.55 -29.58
CA VAL B 229 4.48 25.18 -28.27
C VAL B 229 5.61 24.73 -27.34
N LEU B 230 5.95 23.45 -27.40
CA LEU B 230 7.02 22.90 -26.58
C LEU B 230 8.41 23.30 -27.10
N GLN B 231 8.49 23.57 -28.40
CA GLN B 231 9.74 24.03 -29.00
C GLN B 231 10.09 25.47 -28.62
N GLN B 232 9.08 26.32 -28.46
CA GLN B 232 9.31 27.75 -28.22
C GLN B 232 9.72 28.04 -26.79
N ASP B 233 10.72 28.89 -26.64
CA ASP B 233 11.25 29.26 -25.32
C ASP B 233 10.30 30.20 -24.57
N LYS B 234 9.55 30.99 -25.32
CA LYS B 234 8.63 31.98 -24.76
C LYS B 234 7.50 31.34 -23.93
N THR B 235 7.25 30.06 -24.17
CA THR B 235 6.12 29.36 -23.56
C THR B 235 6.14 29.40 -22.03
N SER B 236 4.97 29.63 -21.44
CA SER B 236 4.83 29.69 -19.99
C SER B 236 4.77 28.29 -19.38
N SER B 237 4.94 28.20 -18.07
CA SER B 237 4.99 26.91 -17.38
C SER B 237 3.69 26.13 -17.52
N ASN B 238 2.57 26.82 -17.34
CA ASN B 238 1.25 26.18 -17.40
C ASN B 238 0.99 25.52 -18.75
N LEU B 239 1.10 26.30 -19.82
CA LEU B 239 0.89 25.79 -21.16
C LEU B 239 1.88 24.67 -21.47
N HIS B 240 3.10 24.84 -20.99
CA HIS B 240 4.14 23.82 -21.16
C HIS B 240 3.68 22.52 -20.52
N GLU B 241 3.17 22.60 -19.30
CA GLU B 241 2.64 21.42 -18.63
C GLU B 241 1.48 20.80 -19.40
N ALA B 242 0.54 21.64 -19.84
CA ALA B 242 -0.59 21.17 -20.62
C ALA B 242 -0.12 20.36 -21.83
N ALA B 243 0.70 21.00 -22.67
CA ALA B 243 1.22 20.36 -23.87
C ALA B 243 1.97 19.07 -23.54
N SER B 244 2.83 19.14 -22.52
CA SER B 244 3.60 17.97 -22.10
C SER B 244 2.68 16.82 -21.75
N ASP B 245 1.70 17.09 -20.89
CA ASP B 245 0.72 16.09 -20.50
C ASP B 245 0.01 15.52 -21.72
N CYS B 246 -0.36 16.38 -22.66
CA CYS B 246 -0.98 15.93 -23.90
C CYS B 246 -0.09 14.94 -24.67
N VAL B 247 1.15 15.33 -24.91
CA VAL B 247 2.11 14.46 -25.59
C VAL B 247 2.25 13.11 -24.88
N CYS B 248 2.45 13.17 -23.57
CA CYS B 248 2.55 11.97 -22.75
C CYS B 248 1.30 11.10 -22.88
N SER B 249 0.14 11.75 -22.86
CA SER B 249 -1.13 11.03 -22.99
C SER B 249 -1.24 10.33 -24.34
N ALA B 250 -0.81 11.00 -25.41
CA ALA B 250 -0.75 10.36 -26.72
C ALA B 250 0.16 9.14 -26.70
N LEU B 251 1.41 9.36 -26.27
CA LEU B 251 2.39 8.28 -26.19
C LEU B 251 1.86 7.10 -25.38
N TYR B 252 1.21 7.39 -24.25
CA TYR B 252 0.67 6.33 -23.42
C TYR B 252 -0.51 5.65 -24.09
N ALA B 253 -1.34 6.44 -24.77
CA ALA B 253 -2.47 5.90 -25.50
C ALA B 253 -2.01 4.90 -26.54
N ILE B 254 -0.87 5.19 -27.17
CA ILE B 254 -0.28 4.26 -28.13
C ILE B 254 0.13 2.91 -27.55
N GLU B 255 0.94 2.91 -26.50
CA GLU B 255 1.69 1.72 -26.06
C GLU B 255 0.91 0.39 -26.04
N ASN B 256 -0.35 0.42 -25.63
CA ASN B 256 -1.14 -0.80 -25.53
C ASN B 256 -1.37 -1.42 -26.91
N VAL B 257 -2.05 -0.67 -27.76
CA VAL B 257 -2.28 -1.08 -29.14
C VAL B 257 -0.94 -1.06 -29.86
N GLU B 258 -0.86 -1.64 -31.05
CA GLU B 258 0.44 -1.81 -31.70
C GLU B 258 1.29 -0.54 -31.96
N THR B 259 0.75 0.64 -32.29
CA THR B 259 -0.66 0.99 -32.45
C THR B 259 -0.93 1.37 -33.91
N ASN B 260 -0.32 2.47 -34.31
CA ASN B 260 -0.29 2.90 -35.70
C ASN B 260 1.04 3.60 -35.94
N LEU B 261 1.96 2.91 -36.60
CA LEU B 261 3.31 3.41 -36.77
C LEU B 261 3.39 4.77 -37.50
N PRO B 262 2.41 5.09 -38.37
CA PRO B 262 2.54 6.42 -38.98
C PRO B 262 2.42 7.54 -37.94
N LEU B 263 1.64 7.30 -36.89
CA LEU B 263 1.49 8.25 -35.80
C LEU B 263 2.72 8.22 -34.90
N ALA B 264 3.13 7.01 -34.52
CA ALA B 264 4.27 6.80 -33.66
C ALA B 264 5.51 7.49 -34.22
N MET B 265 5.73 7.34 -35.52
CA MET B 265 6.85 8.00 -36.19
C MET B 265 6.79 9.52 -35.96
N GLN B 266 5.61 10.09 -36.14
CA GLN B 266 5.42 11.53 -36.03
C GLN B 266 5.65 12.02 -34.61
N LEU B 267 5.11 11.28 -33.64
CA LEU B 267 5.37 11.60 -32.23
C LEU B 267 6.84 11.40 -31.90
N PHE B 268 7.45 10.39 -32.51
CA PHE B 268 8.87 10.10 -32.30
C PHE B 268 9.70 11.31 -32.70
N GLN B 269 9.65 11.66 -33.98
CA GLN B 269 10.40 12.80 -34.50
C GLN B 269 9.98 14.09 -33.78
N GLY B 270 8.69 14.20 -33.50
CA GLY B 270 8.16 15.31 -32.73
C GLY B 270 8.91 15.50 -31.43
N VAL B 271 9.02 14.43 -30.64
CA VAL B 271 9.76 14.50 -29.39
C VAL B 271 11.23 14.77 -29.66
N LEU B 272 11.76 14.16 -30.72
CA LEU B 272 13.18 14.34 -31.08
C LEU B 272 13.53 15.80 -31.39
N THR B 273 12.58 16.55 -31.95
CA THR B 273 12.83 17.98 -32.20
C THR B 273 12.96 18.84 -30.93
N LEU B 274 12.66 18.26 -29.77
CA LEU B 274 12.59 19.05 -28.54
C LEU B 274 13.94 19.16 -27.80
N GLU B 275 14.98 18.53 -28.34
CA GLU B 275 16.29 18.52 -27.69
C GLU B 275 16.87 19.94 -27.51
N THR B 276 16.77 20.74 -28.57
CA THR B 276 17.26 22.11 -28.53
C THR B 276 16.53 22.92 -27.47
N ALA B 277 15.21 22.80 -27.46
CA ALA B 277 14.38 23.47 -26.46
C ALA B 277 14.73 23.01 -25.05
N TYR B 278 15.02 21.72 -24.91
CA TYR B 278 15.47 21.19 -23.63
C TYR B 278 16.76 21.88 -23.20
N HIS B 279 17.73 21.92 -24.11
CA HIS B 279 19.02 22.57 -23.80
C HIS B 279 18.83 24.04 -23.45
N MET B 280 17.91 24.70 -24.14
CA MET B 280 17.52 26.07 -23.80
C MET B 280 16.98 26.13 -22.38
N ALA B 281 16.06 25.22 -22.06
CA ALA B 281 15.44 25.19 -20.73
C ALA B 281 16.50 24.99 -19.65
N VAL B 282 17.44 24.09 -19.90
CA VAL B 282 18.53 23.86 -18.96
C VAL B 282 19.42 25.09 -18.84
N ALA B 283 19.71 25.73 -19.98
CA ALA B 283 20.55 26.92 -19.99
C ALA B 283 20.00 28.05 -19.11
N ARG B 284 18.69 28.27 -19.19
CA ARG B 284 18.05 29.32 -18.38
C ARG B 284 17.69 28.83 -16.98
N GLU B 285 18.03 27.58 -16.68
CA GLU B 285 17.75 26.98 -15.38
C GLU B 285 16.25 27.00 -15.05
N ASP B 286 15.43 26.71 -16.07
CA ASP B 286 13.99 26.60 -15.90
C ASP B 286 13.65 25.14 -15.59
N LEU B 287 13.54 24.83 -14.31
CA LEU B 287 13.42 23.44 -13.86
C LEU B 287 12.13 22.77 -14.33
N ASP B 288 11.03 23.51 -14.27
CA ASP B 288 9.72 22.99 -14.70
C ASP B 288 9.79 22.37 -16.08
N LYS B 289 10.31 23.14 -17.04
CA LYS B 289 10.40 22.69 -18.41
C LYS B 289 11.33 21.49 -18.56
N VAL B 290 12.43 21.49 -17.81
CA VAL B 290 13.36 20.36 -17.82
C VAL B 290 12.65 19.10 -17.35
N LEU B 291 11.94 19.21 -16.24
CA LEU B 291 11.16 18.09 -15.72
C LEU B 291 10.16 17.61 -16.76
N ASN B 292 9.33 18.51 -17.26
CA ASN B 292 8.37 18.16 -18.30
C ASN B 292 9.01 17.46 -19.49
N TYR B 293 10.13 18.01 -19.99
CA TYR B 293 10.85 17.42 -21.10
C TYR B 293 11.30 16.01 -20.75
N CYS B 294 11.84 15.85 -19.55
CA CYS B 294 12.28 14.54 -19.11
C CYS B 294 11.11 13.56 -19.03
N ARG B 295 9.95 14.05 -18.59
CA ARG B 295 8.76 13.23 -18.55
C ARG B 295 8.36 12.79 -19.97
N ILE B 296 8.41 13.73 -20.91
CA ILE B 296 8.12 13.41 -22.30
C ILE B 296 9.10 12.37 -22.85
N PHE B 297 10.40 12.59 -22.64
CA PHE B 297 11.41 11.65 -23.12
C PHE B 297 11.23 10.28 -22.48
N THR B 298 10.94 10.26 -21.19
CA THR B 298 10.76 9.01 -20.46
C THR B 298 9.56 8.26 -20.99
N GLU B 299 8.46 8.97 -21.21
CA GLU B 299 7.28 8.38 -21.82
C GLU B 299 7.64 7.81 -23.20
N LEU B 300 8.35 8.59 -24.01
CA LEU B 300 8.79 8.13 -25.32
C LEU B 300 9.53 6.80 -25.21
N CYS B 301 10.56 6.78 -24.37
CA CYS B 301 11.38 5.58 -24.20
C CYS B 301 10.56 4.38 -23.68
N GLU B 302 9.76 4.61 -22.66
CA GLU B 302 8.99 3.53 -22.05
C GLU B 302 7.88 3.05 -22.98
N THR B 303 7.41 3.93 -23.86
CA THR B 303 6.40 3.55 -24.85
C THR B 303 6.96 2.63 -25.93
N PHE B 304 8.21 2.88 -26.33
CA PHE B 304 8.84 2.13 -27.41
C PHE B 304 9.94 1.19 -26.90
N LEU B 305 9.79 0.71 -25.68
CA LEU B 305 10.79 -0.15 -25.05
C LEU B 305 11.03 -1.43 -25.85
N GLU B 306 9.96 -2.19 -26.06
CA GLU B 306 10.04 -3.46 -26.76
C GLU B 306 10.69 -3.31 -28.14
N LYS B 307 10.36 -2.23 -28.83
CA LYS B 307 10.91 -1.98 -30.16
C LYS B 307 12.36 -1.52 -30.07
N ILE B 308 12.73 -0.93 -28.93
CA ILE B 308 14.11 -0.55 -28.68
C ILE B 308 14.97 -1.79 -28.43
N VAL B 309 14.48 -2.67 -27.57
CA VAL B 309 15.25 -3.87 -27.22
C VAL B 309 15.21 -4.96 -28.29
N CYS B 310 14.08 -5.08 -29.00
CA CYS B 310 13.94 -6.12 -30.02
C CYS B 310 14.58 -5.73 -31.35
N THR B 311 14.59 -4.42 -31.65
CA THR B 311 15.23 -3.92 -32.86
C THR B 311 16.06 -2.68 -32.55
N PRO B 312 17.18 -2.86 -31.82
CA PRO B 312 18.05 -1.74 -31.46
C PRO B 312 18.55 -0.97 -32.69
N GLY B 313 18.06 0.24 -32.87
CA GLY B 313 18.48 1.10 -33.97
C GLY B 313 17.72 0.82 -35.26
N GLN B 314 16.41 0.68 -35.17
CA GLN B 314 15.56 0.50 -36.35
C GLN B 314 14.18 1.10 -36.10
N GLY B 315 13.86 2.15 -36.82
CA GLY B 315 12.56 2.80 -36.69
C GLY B 315 12.32 3.34 -35.30
N LEU B 316 11.39 2.72 -34.58
CA LEU B 316 11.09 3.10 -33.21
C LEU B 316 12.14 2.57 -32.24
N GLY B 317 13.13 1.86 -32.76
CA GLY B 317 14.21 1.35 -31.94
C GLY B 317 15.44 2.24 -31.98
N ASP B 318 15.26 3.46 -32.47
CA ASP B 318 16.36 4.42 -32.56
C ASP B 318 16.90 4.72 -31.16
N LEU B 319 18.20 4.50 -30.97
CA LEU B 319 18.82 4.64 -29.66
C LEU B 319 19.08 6.09 -29.28
N ARG B 320 18.59 7.04 -30.07
CA ARG B 320 18.65 8.45 -29.71
C ARG B 320 17.76 8.72 -28.50
N THR B 321 16.78 7.84 -28.30
CA THR B 321 15.88 7.92 -27.16
C THR B 321 16.67 7.75 -25.85
N LEU B 322 17.42 6.65 -25.77
CA LEU B 322 18.32 6.41 -24.64
C LEU B 322 19.28 7.57 -24.51
N GLU B 323 19.69 8.11 -25.65
CA GLU B 323 20.60 9.25 -25.67
C GLU B 323 19.96 10.43 -24.95
N LEU B 324 18.71 10.72 -25.29
CA LEU B 324 17.96 11.77 -24.63
C LEU B 324 17.84 11.50 -23.14
N LEU B 325 17.48 10.27 -22.78
CA LEU B 325 17.39 9.92 -21.36
C LEU B 325 18.73 10.13 -20.64
N LEU B 326 19.83 9.78 -21.30
CA LEU B 326 21.15 9.96 -20.70
C LEU B 326 21.52 11.44 -20.64
N ILE B 327 21.07 12.22 -21.61
CA ILE B 327 21.25 13.67 -21.53
C ILE B 327 20.50 14.21 -20.32
N CYS B 328 19.29 13.69 -20.09
CA CYS B 328 18.54 14.03 -18.88
C CYS B 328 19.28 13.57 -17.64
N ALA B 329 19.85 12.37 -17.70
CA ALA B 329 20.60 11.81 -16.58
C ALA B 329 21.79 12.69 -16.19
N GLY B 330 22.25 13.51 -17.13
CA GLY B 330 23.41 14.35 -16.90
C GLY B 330 23.10 15.65 -16.16
N HIS B 331 21.83 15.89 -15.87
CA HIS B 331 21.43 17.13 -15.23
C HIS B 331 21.73 17.09 -13.74
N PRO B 332 22.29 18.18 -13.16
CA PRO B 332 22.69 18.17 -11.75
C PRO B 332 21.57 17.82 -10.77
N GLN B 333 20.35 18.27 -11.08
CA GLN B 333 19.22 18.04 -10.20
C GLN B 333 18.88 16.55 -10.14
N TYR B 334 18.49 16.07 -8.96
CA TYR B 334 18.23 14.64 -8.78
C TYR B 334 16.77 14.28 -9.12
N GLU B 335 15.85 15.19 -8.87
CA GLU B 335 14.43 14.94 -9.12
C GLU B 335 14.19 14.69 -10.62
N VAL B 336 15.00 15.32 -11.46
CA VAL B 336 14.93 15.12 -12.89
C VAL B 336 15.22 13.66 -13.23
N VAL B 337 16.41 13.21 -12.86
CA VAL B 337 16.85 11.86 -13.16
C VAL B 337 16.15 10.85 -12.24
N GLU B 338 15.46 11.34 -11.22
CA GLU B 338 14.65 10.49 -10.38
C GLU B 338 13.58 9.81 -11.24
N ILE B 339 13.08 10.57 -12.21
CA ILE B 339 12.17 10.04 -13.21
C ILE B 339 12.98 9.09 -14.10
N SER B 340 12.28 8.21 -14.81
CA SER B 340 12.93 7.31 -15.77
C SER B 340 13.61 6.11 -15.13
N PHE B 341 13.67 6.06 -13.81
CA PHE B 341 14.18 4.88 -13.12
C PHE B 341 13.35 3.65 -13.49
N ASN B 342 12.05 3.84 -13.61
CA ASN B 342 11.14 2.75 -13.99
C ASN B 342 11.48 2.18 -15.36
N PHE B 343 11.80 3.06 -16.31
CA PHE B 343 12.20 2.61 -17.63
C PHE B 343 13.43 1.73 -17.55
N TRP B 344 14.44 2.22 -16.84
CA TRP B 344 15.69 1.48 -16.67
C TRP B 344 15.46 0.16 -15.96
N TYR B 345 14.54 0.17 -14.99
CA TYR B 345 14.11 -1.07 -14.35
C TYR B 345 13.54 -2.04 -15.38
N ARG B 346 12.58 -1.58 -16.17
CA ARG B 346 11.97 -2.40 -17.20
C ARG B 346 13.01 -2.94 -18.19
N LEU B 347 13.93 -2.07 -18.61
CA LEU B 347 14.98 -2.45 -19.54
C LEU B 347 15.86 -3.52 -18.94
N GLY B 348 16.30 -3.30 -17.70
CA GLY B 348 17.11 -4.27 -16.99
C GLY B 348 16.40 -5.61 -16.89
N GLU B 349 15.12 -5.56 -16.55
CA GLU B 349 14.28 -6.75 -16.48
C GLU B 349 14.31 -7.52 -17.80
N HIS B 350 13.89 -6.84 -18.87
CA HIS B 350 13.86 -7.45 -20.19
C HIS B 350 15.23 -8.01 -20.56
N LEU B 351 16.28 -7.28 -20.23
CA LEU B 351 17.63 -7.74 -20.53
C LEU B 351 18.02 -8.94 -19.69
N TYR B 352 17.52 -9.01 -18.46
CA TYR B 352 17.75 -10.20 -17.63
C TYR B 352 17.06 -11.39 -18.28
N LYS B 353 15.85 -11.19 -18.77
CA LYS B 353 15.14 -12.25 -19.50
C LYS B 353 15.94 -12.73 -20.71
N THR B 354 16.54 -11.80 -21.44
CA THR B 354 17.27 -12.13 -22.66
C THR B 354 18.62 -12.77 -22.36
N ASN B 355 19.02 -13.71 -23.22
CA ASN B 355 20.35 -14.30 -23.16
C ASN B 355 21.04 -14.13 -24.52
N ASP B 356 21.43 -12.90 -24.81
CA ASP B 356 22.09 -12.58 -26.08
C ASP B 356 23.34 -11.73 -25.82
N GLU B 357 24.44 -12.10 -26.45
CA GLU B 357 25.71 -11.44 -26.22
C GLU B 357 25.73 -10.05 -26.86
N VAL B 358 25.26 -9.95 -28.09
CA VAL B 358 25.32 -8.70 -28.83
C VAL B 358 24.43 -7.63 -28.21
N ILE B 359 23.23 -8.01 -27.78
CA ILE B 359 22.28 -7.07 -27.20
C ILE B 359 22.82 -6.51 -25.88
N HIS B 360 23.29 -7.42 -25.02
CA HIS B 360 23.94 -7.03 -23.79
C HIS B 360 25.11 -6.09 -24.09
N GLY B 361 25.92 -6.47 -25.08
CA GLY B 361 27.00 -5.64 -25.55
C GLY B 361 26.53 -4.26 -25.96
N ILE B 362 25.40 -4.20 -26.66
CA ILE B 362 24.84 -2.93 -27.13
C ILE B 362 24.39 -2.04 -25.96
N PHE B 363 23.63 -2.61 -25.04
CA PHE B 363 23.06 -1.81 -23.93
C PHE B 363 24.02 -1.58 -22.76
N LYS B 364 25.03 -2.43 -22.62
CA LYS B 364 26.00 -2.32 -21.54
C LYS B 364 26.60 -0.91 -21.42
N ALA B 365 26.95 -0.32 -22.56
CA ALA B 365 27.56 1.02 -22.57
C ALA B 365 26.62 2.05 -21.97
N TYR B 366 25.38 2.06 -22.47
CA TYR B 366 24.36 2.97 -21.97
C TYR B 366 24.16 2.78 -20.48
N ILE B 367 24.09 1.53 -20.05
CA ILE B 367 23.95 1.25 -18.62
C ILE B 367 25.15 1.78 -17.82
N GLN B 368 26.36 1.59 -18.35
CA GLN B 368 27.55 2.10 -17.69
C GLN B 368 27.49 3.62 -17.55
N ARG B 369 27.15 4.30 -18.64
CA ARG B 369 26.98 5.74 -18.59
C ARG B 369 25.94 6.15 -17.54
N LEU B 370 24.81 5.46 -17.55
CA LEU B 370 23.79 5.68 -16.54
C LEU B 370 24.38 5.58 -15.14
N LEU B 371 25.04 4.47 -14.83
CA LEU B 371 25.61 4.28 -13.51
C LEU B 371 26.65 5.35 -13.17
N HIS B 372 27.42 5.79 -14.16
CA HIS B 372 28.34 6.90 -13.95
C HIS B 372 27.59 8.15 -13.50
N ALA B 373 26.54 8.51 -14.25
CA ALA B 373 25.70 9.64 -13.89
C ALA B 373 25.13 9.50 -12.48
N LEU B 374 24.48 8.37 -12.22
CA LEU B 374 23.87 8.11 -10.92
C LEU B 374 24.92 8.13 -9.83
N ALA B 375 26.13 7.67 -10.15
CA ALA B 375 27.24 7.71 -9.20
C ALA B 375 27.57 9.15 -8.85
N ARG B 376 27.68 10.00 -9.87
CA ARG B 376 27.87 11.42 -9.62
C ARG B 376 26.72 12.00 -8.79
N HIS B 377 25.50 11.56 -9.08
CA HIS B 377 24.32 12.09 -8.41
C HIS B 377 24.26 11.87 -6.89
N CYS B 378 24.87 10.78 -6.41
CA CYS B 378 24.79 10.46 -4.99
C CYS B 378 25.66 11.36 -4.12
N GLN B 379 26.35 12.31 -4.74
CA GLN B 379 27.24 13.20 -4.01
C GLN B 379 26.48 14.26 -3.22
N LEU B 380 26.90 14.47 -1.99
CA LEU B 380 26.35 15.54 -1.16
C LEU B 380 27.02 16.86 -1.54
N GLU B 381 26.74 17.90 -0.76
CA GLU B 381 27.41 19.19 -0.94
C GLU B 381 28.69 19.23 -0.10
N PRO B 382 29.72 19.92 -0.59
CA PRO B 382 30.87 20.15 0.28
C PRO B 382 30.46 20.95 1.51
N ASP B 383 29.39 21.72 1.34
CA ASP B 383 28.80 22.51 2.43
C ASP B 383 28.20 21.60 3.50
N HIS B 384 27.81 20.40 3.10
CA HIS B 384 27.15 19.45 4.00
C HIS B 384 28.06 19.11 5.18
N GLU B 385 27.43 18.95 6.35
CA GLU B 385 28.15 18.59 7.57
C GLU B 385 27.31 17.64 8.40
N GLY B 386 27.99 16.75 9.13
CA GLY B 386 27.31 15.69 9.84
C GLY B 386 27.05 14.52 8.91
N VAL B 387 26.57 13.40 9.46
CA VAL B 387 26.28 12.23 8.65
C VAL B 387 25.12 12.49 7.70
N PRO B 388 25.01 11.70 6.62
CA PRO B 388 23.88 11.87 5.69
C PRO B 388 22.64 11.14 6.19
N GLU B 389 21.58 11.90 6.46
CA GLU B 389 20.36 11.32 7.01
C GLU B 389 19.67 10.43 5.98
N GLU B 390 19.26 9.25 6.41
CA GLU B 390 18.61 8.28 5.53
C GLU B 390 17.16 8.66 5.24
N THR B 391 16.57 9.47 6.11
CA THR B 391 15.14 9.77 6.05
C THR B 391 14.82 11.02 5.24
N ASP B 392 15.83 11.79 4.87
CA ASP B 392 15.63 13.00 4.09
C ASP B 392 15.32 12.66 2.64
N ASP B 393 14.69 13.59 1.92
CA ASP B 393 14.28 13.38 0.53
C ASP B 393 15.45 12.92 -0.34
N PHE B 394 16.57 13.63 -0.23
CA PHE B 394 17.77 13.26 -0.96
C PHE B 394 18.21 11.86 -0.55
N GLY B 395 18.00 11.53 0.72
CA GLY B 395 18.29 10.20 1.22
C GLY B 395 17.43 9.16 0.50
N GLU B 396 16.13 9.44 0.43
CA GLU B 396 15.20 8.58 -0.29
C GLU B 396 15.68 8.38 -1.72
N PHE B 397 16.01 9.49 -2.38
CA PHE B 397 16.58 9.42 -3.72
C PHE B 397 17.78 8.50 -3.77
N ARG B 398 18.71 8.69 -2.83
CA ARG B 398 19.91 7.86 -2.77
C ARG B 398 19.57 6.39 -2.57
N MET B 399 18.54 6.11 -1.77
CA MET B 399 18.10 4.73 -1.57
C MET B 399 17.53 4.17 -2.87
N ARG B 400 16.74 4.97 -3.57
CA ARG B 400 16.20 4.55 -4.86
C ARG B 400 17.32 4.26 -5.85
N VAL B 401 18.29 5.17 -5.92
CA VAL B 401 19.47 4.96 -6.76
C VAL B 401 20.15 3.66 -6.37
N SER B 402 20.38 3.49 -5.07
CA SER B 402 20.98 2.27 -4.55
C SER B 402 20.23 1.02 -5.04
N ASP B 403 18.92 1.03 -4.94
CA ASP B 403 18.11 -0.08 -5.44
C ASP B 403 18.30 -0.31 -6.94
N LEU B 404 18.17 0.76 -7.72
CA LEU B 404 18.30 0.66 -9.17
C LEU B 404 19.67 0.10 -9.58
N VAL B 405 20.74 0.70 -9.04
CA VAL B 405 22.08 0.25 -9.37
C VAL B 405 22.32 -1.15 -8.82
N LYS B 406 21.74 -1.45 -7.66
CA LYS B 406 21.85 -2.78 -7.08
C LYS B 406 21.26 -3.82 -8.03
N ASP B 407 20.15 -3.48 -8.65
CA ASP B 407 19.58 -4.32 -9.70
C ASP B 407 20.47 -4.41 -10.94
N LEU B 408 20.69 -3.28 -11.59
CA LEU B 408 21.32 -3.26 -12.92
C LEU B 408 22.74 -3.82 -13.05
N ILE B 409 23.49 -3.94 -11.97
CA ILE B 409 24.92 -4.27 -12.10
C ILE B 409 25.23 -5.64 -12.69
N PHE B 410 24.22 -6.48 -12.91
CA PHE B 410 24.47 -7.77 -13.54
C PHE B 410 24.77 -7.60 -15.03
N LEU B 411 24.29 -6.51 -15.61
CA LEU B 411 24.52 -6.22 -17.03
C LEU B 411 25.93 -5.71 -17.28
N ILE B 412 26.63 -5.39 -16.20
CA ILE B 412 28.04 -5.08 -16.23
C ILE B 412 28.73 -6.07 -15.30
N GLY B 413 30.01 -5.83 -15.01
CA GLY B 413 30.71 -6.63 -14.02
C GLY B 413 30.56 -6.00 -12.66
N SER B 414 29.92 -6.72 -11.73
CA SER B 414 29.81 -6.25 -10.36
C SER B 414 31.22 -6.04 -9.80
N MET B 415 32.05 -7.06 -9.97
CA MET B 415 33.47 -6.97 -9.64
C MET B 415 34.13 -5.82 -10.39
N GLU B 416 33.87 -5.76 -11.69
CA GLU B 416 34.47 -4.74 -12.55
C GLU B 416 34.08 -3.33 -12.09
N CYS B 417 32.79 -3.11 -11.92
CA CYS B 417 32.27 -1.83 -11.48
C CYS B 417 32.85 -1.47 -10.11
N PHE B 418 32.83 -2.42 -9.20
CA PHE B 418 33.41 -2.22 -7.87
C PHE B 418 34.87 -1.80 -7.97
N ALA B 419 35.62 -2.51 -8.79
CA ALA B 419 37.03 -2.23 -8.99
C ALA B 419 37.26 -0.82 -9.51
N GLN B 420 36.60 -0.49 -10.62
CA GLN B 420 36.80 0.82 -11.23
C GLN B 420 36.19 1.93 -10.37
N LEU B 421 35.25 1.59 -9.51
CA LEU B 421 34.76 2.52 -8.50
C LEU B 421 35.85 2.80 -7.47
N TYR B 422 36.45 1.74 -6.94
CA TYR B 422 37.53 1.89 -5.98
C TYR B 422 38.73 2.61 -6.59
N SER B 423 38.97 2.36 -7.88
CA SER B 423 40.08 3.00 -8.58
C SER B 423 39.98 4.52 -8.54
N THR B 424 38.77 5.04 -8.42
CA THR B 424 38.55 6.49 -8.40
C THR B 424 39.21 7.13 -7.18
N LEU B 425 39.11 6.48 -6.02
CA LEU B 425 39.68 7.00 -4.79
C LEU B 425 41.20 7.00 -4.83
N LYS B 426 41.76 5.95 -5.44
CA LYS B 426 43.21 5.78 -5.51
C LYS B 426 43.87 6.93 -6.24
N GLU B 427 43.30 7.34 -7.36
CA GLU B 427 43.89 8.37 -8.20
C GLU B 427 42.91 9.52 -8.44
N GLY B 428 42.93 10.47 -7.52
CA GLY B 428 42.23 11.72 -7.68
C GLY B 428 43.14 12.84 -7.18
N ASN B 429 43.33 12.95 -5.87
CA ASN B 429 42.55 12.22 -4.88
C ASN B 429 41.33 13.06 -4.49
N PRO B 430 40.15 12.43 -4.43
CA PRO B 430 38.93 13.22 -4.38
C PRO B 430 38.62 13.85 -3.01
N PRO B 431 37.75 14.87 -2.98
CA PRO B 431 37.23 15.40 -1.72
C PRO B 431 36.28 14.40 -1.05
N TRP B 432 35.73 14.76 0.10
CA TRP B 432 34.98 13.81 0.91
C TRP B 432 33.63 13.46 0.28
N GLU B 433 33.02 14.39 -0.45
CA GLU B 433 31.73 14.15 -1.08
C GLU B 433 31.82 13.00 -2.09
N VAL B 434 32.84 13.05 -2.94
CA VAL B 434 33.05 12.04 -3.95
C VAL B 434 33.34 10.69 -3.29
N THR B 435 34.31 10.69 -2.39
CA THR B 435 34.65 9.51 -1.61
C THR B 435 33.41 8.88 -1.00
N GLU B 436 32.60 9.70 -0.35
CA GLU B 436 31.39 9.25 0.30
C GLU B 436 30.43 8.63 -0.71
N ALA B 437 30.22 9.33 -1.84
CA ALA B 437 29.34 8.81 -2.89
C ALA B 437 29.82 7.45 -3.41
N VAL B 438 31.10 7.37 -3.74
CA VAL B 438 31.68 6.13 -4.23
C VAL B 438 31.52 5.01 -3.21
N LEU B 439 31.86 5.29 -1.95
CA LEU B 439 31.67 4.32 -0.88
C LEU B 439 30.20 3.92 -0.76
N PHE B 440 29.31 4.89 -0.94
CA PHE B 440 27.88 4.60 -0.85
C PHE B 440 27.45 3.64 -1.95
N ILE B 441 27.89 3.89 -3.16
CA ILE B 441 27.56 2.99 -4.27
C ILE B 441 28.24 1.64 -4.10
N MET B 442 29.47 1.65 -3.59
CA MET B 442 30.21 0.40 -3.38
C MET B 442 29.51 -0.46 -2.35
N ALA B 443 29.00 0.18 -1.30
CA ALA B 443 28.24 -0.52 -0.27
C ALA B 443 27.02 -1.22 -0.86
N ALA B 444 26.46 -0.66 -1.93
CA ALA B 444 25.26 -1.20 -2.54
C ALA B 444 25.55 -2.34 -3.53
N ILE B 445 26.83 -2.62 -3.74
CA ILE B 445 27.26 -3.61 -4.72
C ILE B 445 28.11 -4.71 -4.09
N ALA B 446 28.68 -4.41 -2.92
CA ALA B 446 29.68 -5.26 -2.28
C ALA B 446 29.31 -6.75 -2.23
N LYS B 447 28.09 -7.06 -1.78
CA LYS B 447 27.70 -8.46 -1.61
C LYS B 447 27.51 -9.20 -2.93
N SER B 448 27.48 -8.47 -4.05
CA SER B 448 27.28 -9.07 -5.36
C SER B 448 28.61 -9.44 -6.02
N VAL B 449 29.72 -9.02 -5.42
CA VAL B 449 31.03 -9.24 -6.02
C VAL B 449 31.50 -10.68 -5.85
N ASP B 450 32.25 -11.16 -6.83
CA ASP B 450 32.82 -12.49 -6.81
C ASP B 450 33.80 -12.63 -5.65
N PRO B 451 33.71 -13.72 -4.87
CA PRO B 451 34.65 -13.89 -3.76
C PRO B 451 36.12 -13.90 -4.17
N GLU B 452 36.48 -14.70 -5.18
CA GLU B 452 37.87 -14.84 -5.57
C GLU B 452 38.50 -13.54 -6.08
N ASN B 453 37.69 -12.48 -6.15
CA ASN B 453 38.20 -11.14 -6.37
C ASN B 453 38.62 -10.52 -5.03
N ASN B 454 38.76 -11.35 -4.00
CA ASN B 454 39.10 -10.83 -2.68
C ASN B 454 40.42 -10.06 -2.57
N PRO B 455 41.37 -10.20 -3.53
CA PRO B 455 42.56 -9.38 -3.29
C PRO B 455 42.29 -7.88 -3.39
N THR B 456 41.28 -7.51 -4.17
CA THR B 456 40.86 -6.12 -4.24
C THR B 456 40.02 -5.78 -3.02
N LEU B 457 39.01 -6.59 -2.76
CA LEU B 457 38.13 -6.41 -1.60
C LEU B 457 38.92 -6.16 -0.33
N VAL B 458 39.82 -7.08 0.01
CA VAL B 458 40.62 -6.92 1.22
C VAL B 458 41.42 -5.63 1.18
N GLU B 459 41.69 -5.12 -0.02
CA GLU B 459 42.45 -3.88 -0.14
C GLU B 459 41.52 -2.71 0.14
N VAL B 460 40.23 -2.92 -0.11
CA VAL B 460 39.24 -1.89 0.16
C VAL B 460 38.95 -1.92 1.65
N LEU B 461 38.51 -3.09 2.12
CA LEU B 461 38.23 -3.32 3.54
C LEU B 461 39.36 -2.78 4.41
N GLU B 462 40.54 -3.34 4.26
CA GLU B 462 41.73 -2.88 4.97
C GLU B 462 41.96 -1.38 4.76
N GLY B 463 41.42 -0.85 3.67
CA GLY B 463 41.58 0.56 3.36
C GLY B 463 40.56 1.41 4.12
N VAL B 464 39.40 0.82 4.41
CA VAL B 464 38.30 1.57 5.02
C VAL B 464 38.13 1.18 6.49
N VAL B 465 39.11 0.46 7.02
CA VAL B 465 39.13 0.07 8.42
C VAL B 465 40.13 0.95 9.17
N ARG B 466 41.13 1.45 8.46
CA ARG B 466 42.21 2.22 9.06
C ARG B 466 42.28 3.65 8.54
N LEU B 467 41.20 4.14 7.93
CA LEU B 467 41.15 5.55 7.57
C LEU B 467 40.92 6.34 8.87
N PRO B 468 41.61 7.49 9.02
CA PRO B 468 41.65 8.18 10.32
C PRO B 468 40.31 8.71 10.80
N GLU B 469 40.25 9.05 12.09
CA GLU B 469 39.06 9.56 12.73
C GLU B 469 38.74 10.98 12.27
N THR B 470 39.78 11.72 11.90
CA THR B 470 39.63 13.12 11.52
C THR B 470 38.84 13.29 10.23
N VAL B 471 38.71 12.21 9.46
CA VAL B 471 37.96 12.22 8.21
C VAL B 471 36.50 12.58 8.45
N HIS B 472 35.87 13.18 7.43
CA HIS B 472 34.48 13.62 7.51
C HIS B 472 33.56 12.51 8.00
N THR B 473 32.66 12.85 8.91
CA THR B 473 31.80 11.87 9.57
C THR B 473 30.92 11.09 8.59
N ALA B 474 30.54 11.74 7.49
CA ALA B 474 29.72 11.10 6.47
C ALA B 474 30.50 9.96 5.81
N VAL B 475 31.77 10.23 5.52
CA VAL B 475 32.64 9.24 4.91
C VAL B 475 32.78 8.03 5.84
N ARG B 476 33.00 8.29 7.12
CA ARG B 476 33.14 7.22 8.10
C ARG B 476 31.84 6.43 8.25
N TYR B 477 30.72 7.15 8.25
CA TYR B 477 29.40 6.51 8.30
C TYR B 477 29.21 5.55 7.13
N THR B 478 29.34 6.08 5.91
CA THR B 478 29.17 5.25 4.71
C THR B 478 30.19 4.12 4.69
N SER B 479 31.41 4.40 5.15
CA SER B 479 32.43 3.37 5.20
C SER B 479 32.03 2.28 6.17
N ILE B 480 31.44 2.65 7.30
CA ILE B 480 30.93 1.67 8.25
C ILE B 480 29.88 0.80 7.58
N GLU B 481 28.95 1.43 6.88
CA GLU B 481 27.96 0.64 6.12
C GLU B 481 28.66 -0.33 5.16
N LEU B 482 29.63 0.16 4.40
CA LEU B 482 30.39 -0.67 3.48
C LEU B 482 31.02 -1.86 4.20
N VAL B 483 31.71 -1.60 5.31
CA VAL B 483 32.32 -2.64 6.12
C VAL B 483 31.28 -3.67 6.52
N GLY B 484 30.11 -3.18 6.94
CA GLY B 484 28.98 -4.05 7.24
C GLY B 484 28.60 -4.91 6.06
N GLU B 485 28.61 -4.32 4.86
CA GLU B 485 28.27 -5.07 3.65
C GLU B 485 29.34 -6.03 3.14
N MET B 486 30.49 -6.10 3.82
CA MET B 486 31.59 -6.99 3.41
C MET B 486 31.84 -8.10 4.43
N SER B 487 30.79 -8.48 5.14
CA SER B 487 30.86 -9.50 6.17
C SER B 487 31.38 -10.82 5.61
N GLU B 488 30.99 -11.14 4.39
CA GLU B 488 31.45 -12.37 3.73
C GLU B 488 32.97 -12.32 3.53
N VAL B 489 33.45 -11.16 3.09
CA VAL B 489 34.88 -10.94 2.89
C VAL B 489 35.60 -11.08 4.23
N VAL B 490 35.02 -10.51 5.28
CA VAL B 490 35.58 -10.69 6.62
C VAL B 490 35.58 -12.17 7.01
N ASP B 491 34.48 -12.86 6.69
CA ASP B 491 34.32 -14.27 7.04
C ASP B 491 35.36 -15.15 6.37
N ARG B 492 35.61 -14.90 5.08
CA ARG B 492 36.56 -15.71 4.33
C ARG B 492 38.01 -15.36 4.61
N ASN B 493 38.23 -14.23 5.28
CA ASN B 493 39.57 -13.84 5.76
C ASN B 493 39.52 -13.53 7.26
N PRO B 494 39.55 -14.57 8.11
CA PRO B 494 39.37 -14.44 9.56
C PRO B 494 40.27 -13.39 10.22
N GLN B 495 41.49 -13.22 9.74
CA GLN B 495 42.44 -12.31 10.37
C GLN B 495 41.93 -10.87 10.41
N PHE B 496 40.91 -10.58 9.59
CA PHE B 496 40.33 -9.25 9.53
C PHE B 496 39.25 -9.03 10.58
N LEU B 497 38.81 -10.10 11.22
CA LEU B 497 37.68 -10.02 12.16
C LEU B 497 37.97 -9.10 13.34
N ASP B 498 39.11 -9.30 14.00
CA ASP B 498 39.42 -8.54 15.20
C ASP B 498 39.67 -7.05 14.88
N PRO B 499 40.42 -6.76 13.80
CA PRO B 499 40.56 -5.35 13.41
C PRO B 499 39.22 -4.69 13.03
N VAL B 500 38.38 -5.41 12.28
CA VAL B 500 37.11 -4.86 11.85
C VAL B 500 36.22 -4.53 13.04
N LEU B 501 36.00 -5.51 13.92
CA LEU B 501 35.17 -5.31 15.11
C LEU B 501 35.62 -4.05 15.86
N GLY B 502 36.91 -4.00 16.17
CA GLY B 502 37.49 -2.83 16.83
C GLY B 502 37.16 -1.54 16.12
N TYR B 503 36.93 -1.60 14.81
CA TYR B 503 36.61 -0.42 14.04
C TYR B 503 35.12 -0.11 14.17
N LEU B 504 34.31 -1.15 14.38
CA LEU B 504 32.87 -0.99 14.46
C LEU B 504 32.46 -0.60 15.88
N MET B 505 33.10 -1.21 16.86
CA MET B 505 32.79 -0.93 18.25
C MET B 505 33.13 0.51 18.58
N LYS B 506 34.31 0.96 18.16
CA LYS B 506 34.68 2.37 18.28
C LYS B 506 33.54 3.24 17.76
N GLY B 507 33.18 3.02 16.50
CA GLY B 507 32.10 3.74 15.87
C GLY B 507 30.77 3.58 16.58
N LEU B 508 30.66 2.57 17.45
CA LEU B 508 29.40 2.35 18.16
C LEU B 508 29.29 3.35 19.30
N CYS B 509 30.44 3.86 19.75
CA CYS B 509 30.47 4.76 20.90
C CYS B 509 30.24 6.20 20.48
N GLU B 510 30.48 6.50 19.20
CA GLU B 510 30.17 7.81 18.66
C GLU B 510 28.70 7.84 18.26
N LYS B 511 27.97 8.84 18.75
CA LYS B 511 26.53 8.92 18.55
C LYS B 511 26.12 8.83 17.08
N PRO B 512 26.54 9.80 16.26
CA PRO B 512 25.99 9.89 14.90
C PRO B 512 26.30 8.69 14.00
N LEU B 513 27.18 7.79 14.47
CA LEU B 513 27.52 6.60 13.72
C LEU B 513 26.88 5.36 14.32
N ALA B 514 26.43 5.47 15.57
CA ALA B 514 25.99 4.31 16.35
C ALA B 514 25.03 3.40 15.58
N SER B 515 24.05 4.02 14.92
CA SER B 515 23.05 3.29 14.15
C SER B 515 23.71 2.43 13.06
N ALA B 516 24.77 2.96 12.45
CA ALA B 516 25.41 2.27 11.34
C ALA B 516 26.18 1.06 11.87
N ALA B 517 27.06 1.32 12.83
CA ALA B 517 27.86 0.28 13.46
C ALA B 517 26.99 -0.87 13.95
N ALA B 518 25.80 -0.53 14.43
CA ALA B 518 24.86 -1.54 14.92
C ALA B 518 24.45 -2.51 13.81
N LYS B 519 24.37 -2.01 12.57
CA LYS B 519 23.95 -2.86 11.46
C LYS B 519 25.12 -3.69 10.96
N ALA B 520 26.30 -3.08 10.95
CA ALA B 520 27.51 -3.77 10.51
C ALA B 520 27.81 -4.96 11.42
N ILE B 521 27.79 -4.72 12.73
CA ILE B 521 28.05 -5.76 13.70
C ILE B 521 27.01 -6.88 13.60
N HIS B 522 25.75 -6.50 13.42
CA HIS B 522 24.67 -7.46 13.25
C HIS B 522 24.98 -8.42 12.12
N ASN B 523 25.27 -7.85 10.94
CA ASN B 523 25.55 -8.64 9.75
C ASN B 523 26.70 -9.60 10.00
N ILE B 524 27.85 -9.05 10.39
CA ILE B 524 29.03 -9.84 10.71
C ILE B 524 28.70 -11.01 11.64
N CYS B 525 28.10 -10.69 12.78
CA CYS B 525 27.66 -11.70 13.74
C CYS B 525 26.85 -12.80 13.07
N SER B 526 26.13 -12.43 12.00
CA SER B 526 25.24 -13.37 11.33
C SER B 526 26.00 -14.18 10.30
N VAL B 527 27.13 -13.65 9.84
CA VAL B 527 27.90 -14.28 8.78
C VAL B 527 29.09 -15.05 9.37
N CYS B 528 29.88 -14.36 10.19
CA CYS B 528 31.01 -14.96 10.87
C CYS B 528 30.58 -15.60 12.18
N ARG B 529 29.43 -16.28 12.14
CA ARG B 529 28.77 -16.77 13.34
C ARG B 529 29.68 -17.64 14.22
N ASP B 530 30.50 -18.47 13.58
CA ASP B 530 31.36 -19.39 14.31
C ASP B 530 32.68 -18.76 14.75
N HIS B 531 33.15 -17.78 14.00
CA HIS B 531 34.38 -17.08 14.32
C HIS B 531 34.21 -16.08 15.46
N MET B 532 32.95 -15.80 15.82
CA MET B 532 32.65 -14.80 16.84
C MET B 532 32.64 -15.38 18.25
N ALA B 533 32.84 -16.69 18.35
CA ALA B 533 32.81 -17.37 19.66
C ALA B 533 33.84 -16.77 20.62
N GLN B 534 34.96 -16.29 20.07
CA GLN B 534 36.01 -15.70 20.88
C GLN B 534 35.62 -14.32 21.40
N HIS B 535 34.90 -13.57 20.56
CA HIS B 535 34.57 -12.18 20.88
C HIS B 535 33.22 -12.05 21.57
N PHE B 536 32.68 -13.15 22.09
CA PHE B 536 31.34 -13.13 22.67
C PHE B 536 31.27 -12.22 23.90
N ASN B 537 32.23 -12.35 24.80
CA ASN B 537 32.28 -11.51 25.99
C ASN B 537 32.17 -10.04 25.63
N GLY B 538 32.73 -9.67 24.48
CA GLY B 538 32.61 -8.32 23.98
C GLY B 538 31.19 -8.03 23.54
N LEU B 539 30.51 -9.03 23.01
CA LEU B 539 29.14 -8.86 22.55
C LEU B 539 28.19 -8.69 23.73
N LEU B 540 28.55 -9.32 24.85
CA LEU B 540 27.74 -9.21 26.05
C LEU B 540 27.85 -7.80 26.61
N GLU B 541 29.06 -7.26 26.63
CA GLU B 541 29.26 -5.90 27.10
C GLU B 541 28.49 -4.91 26.23
N ILE B 542 28.37 -5.23 24.95
CA ILE B 542 27.56 -4.42 24.05
C ILE B 542 26.10 -4.55 24.44
N ALA B 543 25.74 -5.68 25.05
CA ALA B 543 24.35 -5.91 25.45
C ALA B 543 24.08 -5.15 26.75
N ARG B 544 25.07 -5.13 27.63
CA ARG B 544 24.94 -4.40 28.89
C ARG B 544 24.85 -2.90 28.65
N SER B 545 25.48 -2.45 27.58
CA SER B 545 25.63 -1.02 27.31
C SER B 545 24.74 -0.53 26.17
N LEU B 546 23.75 -1.32 25.79
CA LEU B 546 22.91 -0.97 24.63
C LEU B 546 22.24 0.39 24.78
N ASP B 547 21.90 0.77 26.00
CA ASP B 547 21.20 2.02 26.23
C ASP B 547 22.15 3.22 26.25
N SER B 548 23.46 2.96 26.34
CA SER B 548 24.44 4.03 26.31
C SER B 548 24.65 4.49 24.87
N PHE B 549 24.61 3.54 23.94
CA PHE B 549 24.62 3.87 22.51
C PHE B 549 23.21 4.26 22.12
N LEU B 550 22.98 5.55 21.88
CA LEU B 550 21.63 6.00 21.55
C LEU B 550 21.25 5.55 20.15
N LEU B 551 20.62 4.38 20.10
CA LEU B 551 20.21 3.75 18.85
C LEU B 551 18.72 3.87 18.62
N SER B 552 18.27 3.45 17.44
CA SER B 552 16.87 3.19 17.22
C SER B 552 16.58 1.83 17.86
N PRO B 553 15.32 1.58 18.26
CA PRO B 553 14.99 0.28 18.85
C PRO B 553 15.37 -0.89 17.95
N GLU B 554 15.15 -0.72 16.66
CA GLU B 554 15.42 -1.76 15.69
C GLU B 554 16.89 -2.15 15.67
N ALA B 555 17.76 -1.14 15.72
CA ALA B 555 19.21 -1.37 15.68
C ALA B 555 19.67 -2.18 16.90
N ALA B 556 19.25 -1.75 18.09
CA ALA B 556 19.57 -2.46 19.32
C ALA B 556 19.05 -3.90 19.25
N VAL B 557 17.79 -4.03 18.87
CA VAL B 557 17.18 -5.34 18.63
C VAL B 557 18.04 -6.16 17.67
N GLY B 558 18.56 -5.50 16.64
CA GLY B 558 19.45 -6.14 15.70
C GLY B 558 20.72 -6.66 16.36
N LEU B 559 21.35 -5.79 17.14
CA LEU B 559 22.56 -6.19 17.88
C LEU B 559 22.30 -7.42 18.74
N LEU B 560 21.20 -7.39 19.49
CA LEU B 560 20.85 -8.55 20.31
C LEU B 560 20.56 -9.78 19.46
N LYS B 561 19.89 -9.59 18.32
CA LYS B 561 19.63 -10.69 17.39
C LYS B 561 20.94 -11.36 17.00
N GLY B 562 21.89 -10.56 16.52
CA GLY B 562 23.21 -11.05 16.18
C GLY B 562 23.83 -11.80 17.34
N THR B 563 23.86 -11.15 18.49
CA THR B 563 24.39 -11.77 19.70
C THR B 563 23.76 -13.14 19.96
N ALA B 564 22.45 -13.24 19.78
CA ALA B 564 21.76 -14.52 19.95
C ALA B 564 22.22 -15.55 18.93
N LEU B 565 22.28 -15.13 17.66
CA LEU B 565 22.72 -16.02 16.59
C LEU B 565 24.13 -16.54 16.87
N VAL B 566 25.01 -15.69 17.38
CA VAL B 566 26.34 -16.13 17.78
C VAL B 566 26.26 -17.06 19.00
N LEU B 567 25.44 -16.67 19.97
CA LEU B 567 25.26 -17.44 21.20
C LEU B 567 24.82 -18.87 20.92
N ALA B 568 23.92 -19.04 19.97
CA ALA B 568 23.38 -20.35 19.64
C ALA B 568 24.42 -21.37 19.14
N ARG B 569 25.66 -20.92 18.95
CA ARG B 569 26.71 -21.78 18.42
C ARG B 569 27.85 -22.05 19.42
N LEU B 570 27.73 -21.51 20.63
CA LEU B 570 28.71 -21.77 21.66
C LEU B 570 28.54 -23.18 22.21
N PRO B 571 29.58 -23.71 22.88
CA PRO B 571 29.48 -25.02 23.55
C PRO B 571 28.24 -25.15 24.43
N LEU B 572 27.61 -26.31 24.41
CA LEU B 572 26.34 -26.54 25.10
C LEU B 572 26.39 -26.20 26.59
N ASP B 573 27.55 -26.40 27.20
CA ASP B 573 27.69 -26.21 28.66
C ASP B 573 27.81 -24.73 29.06
N LYS B 574 27.94 -23.86 28.06
CA LYS B 574 28.12 -22.42 28.32
C LYS B 574 26.94 -21.60 27.83
N ILE B 575 26.13 -22.17 26.95
CA ILE B 575 24.95 -21.51 26.41
C ILE B 575 24.01 -21.02 27.52
N THR B 576 23.82 -21.86 28.54
CA THR B 576 22.95 -21.52 29.66
C THR B 576 23.49 -20.30 30.42
N GLU B 577 24.75 -20.37 30.81
CA GLU B 577 25.45 -19.27 31.49
C GLU B 577 25.33 -17.96 30.70
N CYS B 578 25.75 -18.03 29.45
CA CYS B 578 25.77 -16.84 28.59
C CYS B 578 24.38 -16.27 28.40
N LEU B 579 23.42 -17.14 28.06
CA LEU B 579 22.04 -16.71 27.87
C LEU B 579 21.50 -16.08 29.15
N SER B 580 21.79 -16.69 30.28
CA SER B 580 21.38 -16.16 31.57
C SER B 580 21.90 -14.74 31.74
N GLU B 581 23.22 -14.58 31.64
CA GLU B 581 23.82 -13.26 31.78
C GLU B 581 23.35 -12.30 30.68
N LEU B 582 22.93 -12.84 29.55
CA LEU B 582 22.39 -12.02 28.47
C LEU B 582 21.00 -11.46 28.81
N CYS B 583 20.10 -12.33 29.27
CA CYS B 583 18.74 -11.92 29.62
C CYS B 583 18.71 -11.11 30.93
N SER B 584 19.69 -11.37 31.79
CA SER B 584 19.84 -10.63 33.04
C SER B 584 19.69 -9.11 32.84
N VAL B 585 20.24 -8.61 31.74
CA VAL B 585 20.17 -7.19 31.42
C VAL B 585 18.72 -6.71 31.35
N GLN B 586 17.96 -7.36 30.47
CA GLN B 586 16.55 -7.01 30.26
C GLN B 586 15.77 -7.20 31.55
N VAL B 587 16.07 -8.29 32.25
CA VAL B 587 15.44 -8.56 33.54
C VAL B 587 15.62 -7.40 34.52
N MET B 588 16.86 -7.00 34.75
CA MET B 588 17.15 -5.90 35.66
C MET B 588 16.49 -4.62 35.17
N ALA B 589 16.58 -4.36 33.86
CA ALA B 589 15.95 -3.19 33.27
C ALA B 589 14.46 -3.17 33.56
N LEU B 590 13.81 -4.33 33.43
CA LEU B 590 12.39 -4.43 33.68
C LEU B 590 12.04 -4.27 35.16
N LYS B 591 12.81 -4.93 36.03
CA LYS B 591 12.59 -4.81 37.47
C LYS B 591 12.75 -3.37 37.93
N LYS B 592 13.74 -2.68 37.37
CA LYS B 592 13.98 -1.27 37.67
C LYS B 592 12.77 -0.39 37.36
N LEU B 593 12.05 -0.72 36.30
CA LEU B 593 10.97 0.13 35.81
C LEU B 593 9.75 0.20 36.74
N LEU B 594 9.84 -0.43 37.90
CA LEU B 594 8.75 -0.46 38.87
C LEU B 594 9.21 0.06 40.24
N SER B 595 9.31 1.38 40.43
CA SER B 595 8.99 2.39 39.42
C SER B 595 10.01 3.52 39.47
N SER B 604 7.86 4.91 31.45
CA SER B 604 7.83 3.67 32.21
C SER B 604 7.37 2.50 31.34
N ASP B 605 7.41 2.68 30.03
CA ASP B 605 6.98 1.64 29.09
C ASP B 605 8.02 0.52 29.02
N PRO B 606 7.60 -0.73 29.28
CA PRO B 606 8.56 -1.85 29.27
C PRO B 606 8.73 -2.53 27.91
N THR B 607 8.06 -2.00 26.88
CA THR B 607 8.05 -2.62 25.55
C THR B 607 9.43 -3.01 25.03
N VAL B 608 10.37 -2.08 25.11
CA VAL B 608 11.70 -2.26 24.54
C VAL B 608 12.40 -3.51 25.08
N PHE B 609 12.44 -3.65 26.40
CA PHE B 609 13.12 -4.77 27.03
C PHE B 609 12.39 -6.08 26.79
N LEU B 610 11.06 -6.00 26.74
CA LEU B 610 10.23 -7.15 26.36
C LEU B 610 10.65 -7.66 24.98
N ASP B 611 10.69 -6.74 24.01
CA ASP B 611 11.11 -7.09 22.66
C ASP B 611 12.54 -7.63 22.65
N ARG B 612 13.41 -6.97 23.41
CA ARG B 612 14.81 -7.38 23.49
C ARG B 612 14.94 -8.80 24.01
N LEU B 613 14.13 -9.17 25.00
CA LEU B 613 14.05 -10.57 25.44
C LEU B 613 13.54 -11.47 24.32
N ALA B 614 12.43 -11.04 23.71
CA ALA B 614 11.78 -11.79 22.64
C ALA B 614 12.76 -12.18 21.54
N VAL B 615 13.54 -11.22 21.06
CA VAL B 615 14.49 -11.49 19.97
C VAL B 615 15.54 -12.52 20.39
N ILE B 616 16.07 -12.35 21.59
CA ILE B 616 17.04 -13.29 22.14
C ILE B 616 16.46 -14.70 22.12
N PHE B 617 15.27 -14.86 22.67
CA PHE B 617 14.62 -16.17 22.65
C PHE B 617 14.27 -16.61 21.23
N ARG B 618 13.96 -15.65 20.36
CA ARG B 618 13.57 -15.97 18.99
C ARG B 618 14.72 -16.58 18.20
N HIS B 619 15.89 -15.94 18.27
CA HIS B 619 17.03 -16.35 17.43
C HIS B 619 18.11 -17.14 18.17
N THR B 620 17.76 -17.72 19.32
CA THR B 620 18.67 -18.59 20.06
C THR B 620 18.22 -20.05 19.90
N ASN B 621 18.57 -20.65 18.77
CA ASN B 621 18.16 -22.01 18.46
C ASN B 621 19.34 -22.95 18.36
N PRO B 622 19.89 -23.38 19.51
CA PRO B 622 21.07 -24.25 19.52
C PRO B 622 20.77 -25.66 19.05
N ILE B 623 21.64 -26.19 18.19
CA ILE B 623 21.50 -27.55 17.70
C ILE B 623 21.75 -28.55 18.84
N VAL B 624 20.67 -29.17 19.30
CA VAL B 624 20.74 -30.10 20.43
C VAL B 624 19.99 -31.39 20.13
N GLU B 625 20.71 -32.52 20.25
CA GLU B 625 20.07 -33.82 20.20
C GLU B 625 19.41 -34.04 21.55
N ASN B 626 18.08 -33.98 21.56
CA ASN B 626 17.29 -33.85 22.79
C ASN B 626 17.74 -34.73 23.94
N GLY B 627 17.70 -34.16 25.14
CA GLY B 627 18.14 -34.84 26.34
C GLY B 627 17.02 -35.65 26.97
N GLN B 628 16.28 -35.12 27.95
CA GLN B 628 16.43 -33.79 28.52
C GLN B 628 17.80 -33.62 29.16
N THR B 629 18.26 -32.38 29.39
CA THR B 629 17.47 -31.14 29.38
C THR B 629 17.99 -30.12 28.36
N HIS B 630 17.09 -29.23 27.92
CA HIS B 630 17.42 -28.18 26.98
C HIS B 630 18.19 -27.04 27.67
N PRO B 631 19.28 -26.54 27.04
CA PRO B 631 20.12 -25.52 27.70
C PRO B 631 19.41 -24.22 28.08
N CYS B 632 18.37 -23.84 27.33
CA CYS B 632 17.68 -22.57 27.55
C CYS B 632 16.55 -22.68 28.57
N GLN B 633 16.49 -23.80 29.28
CA GLN B 633 15.41 -24.07 30.22
C GLN B 633 15.72 -23.51 31.61
N LYS B 634 16.92 -22.99 31.80
CA LYS B 634 17.35 -22.46 33.09
C LYS B 634 17.25 -20.93 33.12
N VAL B 635 16.51 -20.37 32.17
CA VAL B 635 16.40 -18.92 32.03
C VAL B 635 14.95 -18.46 32.17
N ILE B 636 14.03 -19.26 31.63
CA ILE B 636 12.61 -18.95 31.75
C ILE B 636 12.20 -18.90 33.23
N GLN B 637 12.89 -19.67 34.07
CA GLN B 637 12.72 -19.60 35.51
C GLN B 637 13.04 -18.21 36.02
N GLU B 638 14.20 -17.70 35.61
CA GLU B 638 14.69 -16.41 36.07
C GLU B 638 13.91 -15.26 35.43
N ILE B 639 13.24 -15.56 34.32
CA ILE B 639 12.55 -14.54 33.54
C ILE B 639 11.05 -14.49 33.86
N TRP B 640 10.48 -15.63 34.22
CA TRP B 640 9.02 -15.72 34.36
C TRP B 640 8.41 -14.74 35.37
N PRO B 641 8.96 -14.64 36.59
CA PRO B 641 8.36 -13.75 37.59
C PRO B 641 8.25 -12.31 37.10
N VAL B 642 9.26 -11.87 36.35
CA VAL B 642 9.33 -10.50 35.88
C VAL B 642 8.26 -10.24 34.83
N LEU B 643 8.15 -11.16 33.88
CA LEU B 643 7.14 -11.05 32.83
C LEU B 643 5.76 -11.14 33.45
N SER B 644 5.61 -12.03 34.42
CA SER B 644 4.34 -12.19 35.13
C SER B 644 3.94 -10.88 35.79
N GLU B 645 4.87 -10.29 36.55
CA GLU B 645 4.63 -9.01 37.19
C GLU B 645 4.30 -7.93 36.18
N THR B 646 5.11 -7.85 35.12
CA THR B 646 4.89 -6.87 34.06
C THR B 646 3.50 -7.04 33.47
N LEU B 647 3.12 -8.29 33.24
CA LEU B 647 1.85 -8.60 32.62
C LEU B 647 0.71 -8.22 33.58
N ASN B 648 0.93 -8.44 34.88
CA ASN B 648 -0.06 -8.07 35.87
C ASN B 648 -0.21 -6.56 36.02
N LYS B 649 0.90 -5.83 35.92
CA LYS B 649 0.84 -4.38 36.05
C LYS B 649 0.10 -3.72 34.88
N HIS B 650 0.62 -3.90 33.66
CA HIS B 650 0.06 -3.24 32.49
C HIS B 650 -1.01 -4.10 31.81
N ARG B 651 -1.85 -4.74 32.63
CA ARG B 651 -2.88 -5.64 32.12
C ARG B 651 -3.92 -4.95 31.24
N ALA B 652 -4.08 -3.63 31.42
CA ALA B 652 -5.08 -2.88 30.68
C ALA B 652 -4.57 -2.44 29.31
N ASP B 653 -3.26 -2.31 29.16
CA ASP B 653 -2.66 -1.86 27.91
C ASP B 653 -2.48 -3.04 26.95
N ASN B 654 -3.37 -3.15 25.97
CA ASN B 654 -3.38 -4.24 25.01
C ASN B 654 -2.02 -4.44 24.31
N ARG B 655 -1.42 -3.35 23.87
CA ARG B 655 -0.15 -3.39 23.16
C ARG B 655 0.96 -4.03 23.99
N ILE B 656 1.17 -3.51 25.20
CA ILE B 656 2.22 -4.02 26.10
C ILE B 656 1.98 -5.50 26.41
N VAL B 657 0.72 -5.83 26.67
CA VAL B 657 0.33 -7.22 26.89
C VAL B 657 0.64 -8.05 25.66
N GLU B 658 0.42 -7.48 24.48
CA GLU B 658 0.73 -8.15 23.23
C GLU B 658 2.22 -8.45 23.12
N ARG B 659 3.06 -7.43 23.39
CA ARG B 659 4.50 -7.63 23.33
C ARG B 659 4.96 -8.66 24.38
N CYS B 660 4.37 -8.61 25.57
CA CYS B 660 4.70 -9.58 26.61
C CYS B 660 4.32 -11.01 26.16
N CYS B 661 3.11 -11.16 25.62
CA CYS B 661 2.66 -12.45 25.11
C CYS B 661 3.57 -12.92 23.98
N ARG B 662 4.01 -11.99 23.15
CA ARG B 662 4.95 -12.30 22.07
C ARG B 662 6.26 -12.84 22.64
N CYS B 663 6.80 -12.15 23.63
CA CYS B 663 7.99 -12.60 24.33
C CYS B 663 7.79 -14.03 24.84
N LEU B 664 6.72 -14.24 25.61
CA LEU B 664 6.40 -15.56 26.13
C LEU B 664 6.31 -16.59 25.01
N ARG B 665 5.66 -16.20 23.92
CA ARG B 665 5.50 -17.07 22.77
C ARG B 665 6.84 -17.56 22.25
N PHE B 666 7.73 -16.60 21.95
CA PHE B 666 9.06 -16.98 21.48
C PHE B 666 9.81 -17.83 22.49
N ALA B 667 9.71 -17.47 23.77
CA ALA B 667 10.37 -18.24 24.82
C ALA B 667 9.90 -19.69 24.83
N VAL B 668 8.59 -19.89 24.76
CA VAL B 668 8.02 -21.23 24.70
C VAL B 668 8.52 -21.97 23.46
N ARG B 669 8.39 -21.34 22.29
CA ARG B 669 8.85 -21.98 21.06
C ARG B 669 10.36 -22.19 21.06
N CYS B 670 11.08 -21.41 21.85
CA CYS B 670 12.52 -21.58 22.00
C CYS B 670 12.85 -22.82 22.82
N VAL B 671 12.32 -22.87 24.04
CA VAL B 671 12.59 -24.00 24.93
C VAL B 671 11.96 -25.29 24.41
N GLY B 672 10.68 -25.22 24.04
CA GLY B 672 9.95 -26.38 23.54
C GLY B 672 9.09 -27.00 24.62
N LYS B 673 9.18 -28.32 24.76
CA LYS B 673 8.38 -29.05 25.74
C LYS B 673 8.93 -28.90 27.15
N GLY B 674 10.02 -28.17 27.30
CA GLY B 674 10.67 -28.01 28.59
C GLY B 674 10.14 -26.85 29.42
N SER B 675 8.85 -26.55 29.29
CA SER B 675 8.23 -25.50 30.08
C SER B 675 6.91 -26.00 30.68
N ALA B 676 6.90 -27.26 31.09
CA ALA B 676 5.74 -27.83 31.76
C ALA B 676 5.59 -27.24 33.16
N ALA B 677 6.71 -26.84 33.75
CA ALA B 677 6.71 -26.20 35.05
C ALA B 677 6.18 -24.77 34.95
N LEU B 678 6.59 -24.08 33.89
CA LEU B 678 6.14 -22.72 33.60
C LEU B 678 4.66 -22.69 33.24
N LEU B 679 4.13 -23.85 32.85
CA LEU B 679 2.82 -23.94 32.21
C LEU B 679 1.66 -23.42 33.06
N GLN B 680 1.37 -24.09 34.17
CA GLN B 680 0.13 -23.82 34.90
C GLN B 680 0.02 -22.40 35.45
N PRO B 681 1.11 -21.85 36.02
CA PRO B 681 1.03 -20.45 36.46
C PRO B 681 0.69 -19.51 35.30
N LEU B 682 1.36 -19.74 34.16
CA LEU B 682 1.13 -18.94 32.97
C LEU B 682 -0.32 -19.06 32.50
N VAL B 683 -0.81 -20.30 32.41
CA VAL B 683 -2.20 -20.52 32.02
C VAL B 683 -3.16 -19.82 32.97
N THR B 684 -2.92 -19.98 34.27
CA THR B 684 -3.76 -19.37 35.29
C THR B 684 -3.77 -17.85 35.14
N GLN B 685 -2.60 -17.24 34.96
CA GLN B 685 -2.52 -15.80 34.79
C GLN B 685 -3.20 -15.36 33.50
N MET B 686 -2.99 -16.13 32.43
CA MET B 686 -3.67 -15.88 31.16
C MET B 686 -5.18 -15.79 31.37
N VAL B 687 -5.76 -16.86 31.88
CA VAL B 687 -7.20 -16.92 32.14
C VAL B 687 -7.64 -15.82 33.11
N ASN B 688 -6.82 -15.60 34.14
CA ASN B 688 -7.15 -14.63 35.18
C ASN B 688 -7.24 -13.21 34.63
N VAL B 689 -6.25 -12.81 33.84
CA VAL B 689 -6.23 -11.49 33.25
C VAL B 689 -7.24 -11.37 32.11
N TYR B 690 -7.36 -12.42 31.30
CA TYR B 690 -8.24 -12.36 30.13
C TYR B 690 -9.69 -12.12 30.52
N HIS B 691 -10.09 -12.60 31.69
CA HIS B 691 -11.45 -12.43 32.16
C HIS B 691 -11.78 -10.96 32.37
N VAL B 692 -10.76 -10.16 32.69
CA VAL B 692 -10.93 -8.73 32.90
C VAL B 692 -10.75 -7.96 31.60
N HIS B 693 -9.64 -8.20 30.92
CA HIS B 693 -9.32 -7.54 29.67
C HIS B 693 -9.17 -8.59 28.56
N GLN B 694 -10.14 -8.66 27.67
CA GLN B 694 -10.14 -9.67 26.61
C GLN B 694 -9.12 -9.32 25.53
N HIS B 695 -7.84 -9.35 25.89
CA HIS B 695 -6.78 -9.11 24.93
C HIS B 695 -6.59 -10.36 24.07
N SER B 696 -6.87 -10.22 22.77
CA SER B 696 -6.92 -11.36 21.87
C SER B 696 -5.59 -12.11 21.81
N CYS B 697 -4.49 -11.39 22.07
CA CYS B 697 -3.16 -12.00 22.07
C CYS B 697 -3.07 -13.17 23.04
N PHE B 698 -3.94 -13.18 24.05
CA PHE B 698 -4.00 -14.30 24.98
C PHE B 698 -4.49 -15.56 24.27
N LEU B 699 -5.41 -15.38 23.32
CA LEU B 699 -5.96 -16.50 22.58
C LEU B 699 -4.89 -17.04 21.65
N TYR B 700 -4.12 -16.14 21.07
CA TYR B 700 -3.03 -16.55 20.19
C TYR B 700 -1.98 -17.32 20.96
N LEU B 701 -1.47 -16.72 22.03
CA LEU B 701 -0.52 -17.37 22.93
C LEU B 701 -0.99 -18.76 23.29
N GLY B 702 -2.24 -18.84 23.73
CA GLY B 702 -2.87 -20.12 24.07
C GLY B 702 -2.73 -21.13 22.95
N SER B 703 -2.79 -20.65 21.70
CA SER B 703 -2.76 -21.56 20.57
C SER B 703 -1.34 -22.12 20.40
N ILE B 704 -0.35 -21.41 20.92
CA ILE B 704 1.04 -21.85 20.77
C ILE B 704 1.31 -22.98 21.75
N LEU B 705 0.91 -22.79 23.00
CA LEU B 705 1.06 -23.83 24.02
C LEU B 705 0.47 -25.14 23.50
N VAL B 706 -0.75 -25.05 22.97
CA VAL B 706 -1.40 -26.18 22.34
C VAL B 706 -0.51 -26.79 21.25
N ASP B 707 0.24 -25.93 20.56
CA ASP B 707 1.07 -26.39 19.46
C ASP B 707 2.27 -27.17 19.99
N GLU B 708 2.56 -27.00 21.27
CA GLU B 708 3.72 -27.61 21.89
C GLU B 708 3.33 -28.78 22.78
N TYR B 709 2.15 -28.67 23.40
CA TYR B 709 1.74 -29.62 24.43
C TYR B 709 0.46 -30.38 24.07
N GLY B 710 -0.14 -30.05 22.93
CA GLY B 710 -1.36 -30.72 22.51
C GLY B 710 -1.20 -32.22 22.36
N MET B 711 0.02 -32.65 22.06
CA MET B 711 0.31 -34.07 21.87
C MET B 711 0.47 -34.79 23.21
N GLU B 712 0.88 -34.05 24.24
CA GLU B 712 1.16 -34.65 25.53
C GLU B 712 -0.09 -34.96 26.34
N GLU B 713 -0.31 -36.24 26.64
CA GLU B 713 -1.31 -36.65 27.59
C GLU B 713 -0.96 -36.04 28.95
N GLY B 714 -1.97 -35.62 29.69
CA GLY B 714 -1.77 -34.97 30.98
C GLY B 714 -1.80 -33.46 30.85
N CYS B 715 -1.55 -32.97 29.63
CA CYS B 715 -1.69 -31.55 29.32
C CYS B 715 -3.05 -31.27 28.72
N ARG B 716 -3.55 -32.24 27.94
CA ARG B 716 -4.79 -32.08 27.18
C ARG B 716 -5.94 -31.54 28.03
N GLN B 717 -6.12 -32.12 29.21
CA GLN B 717 -7.21 -31.70 30.09
C GLN B 717 -7.05 -30.24 30.51
N GLY B 718 -5.86 -29.89 30.99
CA GLY B 718 -5.57 -28.53 31.41
C GLY B 718 -5.79 -27.54 30.29
N LEU B 719 -5.34 -27.91 29.09
CA LEU B 719 -5.51 -27.06 27.91
C LEU B 719 -6.98 -26.90 27.57
N LEU B 720 -7.73 -28.00 27.64
CA LEU B 720 -9.18 -27.93 27.42
C LEU B 720 -9.81 -26.99 28.43
N ASP B 721 -9.44 -27.13 29.70
CA ASP B 721 -9.94 -26.26 30.75
C ASP B 721 -9.61 -24.81 30.43
N MET B 722 -8.38 -24.55 30.01
CA MET B 722 -7.97 -23.22 29.57
C MET B 722 -8.91 -22.70 28.48
N LEU B 723 -9.10 -23.50 27.43
CA LEU B 723 -9.99 -23.11 26.34
C LEU B 723 -11.39 -22.77 26.84
N GLN B 724 -11.97 -23.68 27.60
CA GLN B 724 -13.31 -23.49 28.14
C GLN B 724 -13.37 -22.21 28.99
N ALA B 725 -12.31 -21.97 29.76
CA ALA B 725 -12.24 -20.76 30.59
C ALA B 725 -12.16 -19.51 29.73
N LEU B 726 -11.36 -19.55 28.67
CA LEU B 726 -11.19 -18.40 27.79
C LEU B 726 -12.40 -18.14 26.90
N CYS B 727 -13.13 -19.20 26.55
CA CYS B 727 -14.27 -19.07 25.65
C CYS B 727 -15.44 -18.24 26.19
N ILE B 728 -15.67 -18.31 27.49
CA ILE B 728 -16.83 -17.63 28.09
C ILE B 728 -16.77 -16.10 27.87
N PRO B 729 -15.70 -15.45 28.38
CA PRO B 729 -15.63 -13.99 28.16
C PRO B 729 -15.50 -13.63 26.68
N THR B 730 -14.90 -14.51 25.88
CA THR B 730 -14.82 -14.32 24.44
C THR B 730 -16.23 -14.23 23.86
N PHE B 731 -17.03 -15.26 24.11
CA PHE B 731 -18.41 -15.28 23.63
C PHE B 731 -19.15 -14.05 24.14
N GLN B 732 -18.95 -13.72 25.41
CA GLN B 732 -19.58 -12.53 25.96
C GLN B 732 -19.13 -11.27 25.22
N LEU B 733 -17.85 -11.24 24.82
CA LEU B 733 -17.30 -10.12 24.07
C LEU B 733 -17.94 -10.02 22.70
N LEU B 734 -18.06 -11.16 22.02
CA LEU B 734 -18.63 -11.20 20.67
C LEU B 734 -20.16 -11.08 20.68
N GLU B 735 -20.78 -11.29 21.84
CA GLU B 735 -22.22 -11.23 21.94
C GLU B 735 -22.74 -9.79 21.91
N GLN B 736 -21.86 -8.83 22.16
CA GLN B 736 -22.24 -7.43 22.16
C GLN B 736 -22.67 -6.98 20.77
N GLN B 737 -23.23 -5.77 20.69
CA GLN B 737 -23.65 -5.20 19.41
C GLN B 737 -22.44 -4.98 18.52
N ASN B 738 -22.53 -5.47 17.28
CA ASN B 738 -21.40 -5.42 16.35
C ASN B 738 -20.16 -6.07 16.96
N GLY B 739 -20.39 -7.16 17.68
CA GLY B 739 -19.31 -7.84 18.38
C GLY B 739 -18.34 -8.55 17.46
N LEU B 740 -18.79 -8.83 16.23
CA LEU B 740 -17.95 -9.47 15.23
C LEU B 740 -17.26 -8.43 14.35
N GLN B 741 -17.99 -7.37 14.00
CA GLN B 741 -17.42 -6.28 13.20
C GLN B 741 -16.25 -5.67 13.95
N ASN B 742 -16.49 -5.36 15.23
CA ASN B 742 -15.41 -5.05 16.16
C ASN B 742 -14.77 -6.36 16.60
N HIS B 743 -13.55 -6.29 17.12
CA HIS B 743 -12.88 -7.48 17.66
C HIS B 743 -12.73 -8.61 16.63
N PRO B 744 -12.29 -8.29 15.41
CA PRO B 744 -12.09 -9.39 14.45
C PRO B 744 -10.85 -10.23 14.79
N ASP B 745 -9.89 -9.60 15.46
CA ASP B 745 -8.69 -10.30 15.91
C ASP B 745 -9.07 -11.36 16.95
N THR B 746 -10.12 -11.07 17.73
CA THR B 746 -10.65 -12.05 18.67
C THR B 746 -11.13 -13.29 17.93
N VAL B 747 -11.85 -13.07 16.84
CA VAL B 747 -12.32 -14.15 15.98
C VAL B 747 -11.12 -14.94 15.46
N ASP B 748 -10.23 -14.22 14.78
CA ASP B 748 -9.02 -14.80 14.21
C ASP B 748 -8.28 -15.68 15.22
N ASP B 749 -7.92 -15.11 16.36
CA ASP B 749 -7.12 -15.81 17.36
C ASP B 749 -7.90 -16.94 18.04
N LEU B 750 -9.19 -16.72 18.28
CA LEU B 750 -10.05 -17.76 18.81
C LEU B 750 -9.99 -19.00 17.92
N PHE B 751 -10.20 -18.80 16.62
CA PHE B 751 -10.23 -19.93 15.71
C PHE B 751 -8.84 -20.45 15.38
N ARG B 752 -7.81 -19.62 15.55
CA ARG B 752 -6.44 -20.10 15.55
C ARG B 752 -6.25 -21.14 16.65
N LEU B 753 -6.63 -20.75 17.87
CA LEU B 753 -6.57 -21.66 19.02
C LEU B 753 -7.35 -22.94 18.74
N ALA B 754 -8.61 -22.76 18.30
CA ALA B 754 -9.45 -23.91 17.97
C ALA B 754 -8.81 -24.82 16.93
N THR B 755 -8.21 -24.23 15.89
CA THR B 755 -7.53 -25.01 14.86
C THR B 755 -6.39 -25.81 15.46
N ARG B 756 -5.55 -25.14 16.26
CA ARG B 756 -4.43 -25.84 16.88
C ARG B 756 -4.92 -26.98 17.76
N PHE B 757 -6.02 -26.76 18.47
CA PHE B 757 -6.69 -27.85 19.18
C PHE B 757 -7.04 -28.98 18.22
N ILE B 758 -7.74 -28.65 17.14
CA ILE B 758 -8.13 -29.65 16.14
C ILE B 758 -6.92 -30.37 15.53
N GLN B 759 -5.80 -29.65 15.44
CA GLN B 759 -4.58 -30.24 14.88
C GLN B 759 -3.92 -31.22 15.84
N ARG B 760 -3.64 -30.77 17.06
CA ARG B 760 -2.87 -31.57 18.01
C ARG B 760 -3.73 -32.48 18.87
N SER B 761 -5.00 -32.13 19.06
CA SER B 761 -5.86 -32.87 19.98
C SER B 761 -7.33 -32.80 19.57
N PRO B 762 -7.69 -33.53 18.51
CA PRO B 762 -9.06 -33.45 17.98
C PRO B 762 -10.12 -34.00 18.95
N VAL B 763 -9.86 -35.17 19.50
CA VAL B 763 -10.83 -35.85 20.35
C VAL B 763 -11.19 -35.03 21.59
N THR B 764 -10.17 -34.45 22.23
CA THR B 764 -10.38 -33.67 23.45
C THR B 764 -11.39 -32.55 23.23
N LEU B 765 -11.28 -31.87 22.09
CA LEU B 765 -12.21 -30.79 21.75
C LEU B 765 -13.55 -31.34 21.27
N LEU B 766 -13.49 -32.33 20.38
CA LEU B 766 -14.71 -32.92 19.82
C LEU B 766 -15.64 -33.50 20.87
N ARG B 767 -15.09 -33.86 22.03
CA ARG B 767 -15.87 -34.47 23.10
C ARG B 767 -16.19 -33.50 24.24
N SER B 768 -15.79 -32.24 24.08
CA SER B 768 -16.11 -31.21 25.06
C SER B 768 -17.41 -30.51 24.71
N GLN B 769 -17.86 -29.62 25.59
CA GLN B 769 -19.12 -28.91 25.40
C GLN B 769 -18.93 -27.53 24.75
N VAL B 770 -17.71 -27.20 24.38
CA VAL B 770 -17.42 -25.90 23.75
C VAL B 770 -17.29 -26.01 22.24
N VAL B 771 -17.18 -27.23 21.72
CA VAL B 771 -17.03 -27.42 20.28
C VAL B 771 -18.26 -26.92 19.52
N ILE B 772 -19.44 -27.15 20.08
CA ILE B 772 -20.69 -26.75 19.45
C ILE B 772 -20.83 -25.23 19.41
N PRO B 773 -20.68 -24.54 20.56
CA PRO B 773 -20.78 -23.07 20.50
C PRO B 773 -19.69 -22.42 19.67
N ILE B 774 -18.49 -23.01 19.68
CA ILE B 774 -17.41 -22.53 18.83
C ILE B 774 -17.80 -22.69 17.37
N LEU B 775 -18.35 -23.85 17.03
CA LEU B 775 -18.83 -24.10 15.67
C LEU B 775 -19.94 -23.12 15.30
N GLN B 776 -20.84 -22.85 16.24
CA GLN B 776 -21.91 -21.89 16.03
C GLN B 776 -21.33 -20.51 15.76
N TRP B 777 -20.34 -20.13 16.55
CA TRP B 777 -19.69 -18.82 16.36
C TRP B 777 -18.91 -18.77 15.06
N ALA B 778 -18.37 -19.91 14.63
CA ALA B 778 -17.75 -19.98 13.31
C ALA B 778 -18.80 -19.69 12.24
N ILE B 779 -19.88 -20.44 12.27
CA ILE B 779 -20.98 -20.24 11.32
C ILE B 779 -21.42 -18.77 11.33
N ALA B 780 -21.53 -18.20 12.53
CA ALA B 780 -21.90 -16.79 12.65
C ALA B 780 -20.79 -15.89 12.10
N SER B 781 -19.54 -16.29 12.32
CA SER B 781 -18.39 -15.48 11.93
C SER B 781 -18.14 -15.50 10.43
N THR B 782 -18.64 -16.53 9.74
CA THR B 782 -18.54 -16.58 8.28
C THR B 782 -18.96 -15.28 7.58
N THR B 783 -19.88 -14.53 8.17
CA THR B 783 -20.40 -13.32 7.52
C THR B 783 -19.47 -12.11 7.62
N LEU B 784 -18.48 -12.20 8.52
CA LEU B 784 -17.60 -11.06 8.80
C LEU B 784 -16.72 -10.68 7.62
N ASP B 785 -16.76 -9.40 7.24
CA ASP B 785 -15.93 -8.88 6.15
C ASP B 785 -14.56 -8.46 6.68
N HIS B 786 -13.72 -9.44 6.96
CA HIS B 786 -12.38 -9.21 7.48
C HIS B 786 -11.53 -10.44 7.14
N ARG B 787 -10.39 -10.22 6.49
CA ARG B 787 -9.71 -11.29 5.77
C ARG B 787 -8.93 -12.28 6.64
N ASP B 788 -8.14 -11.79 7.58
CA ASP B 788 -7.40 -12.68 8.47
C ASP B 788 -8.39 -13.52 9.28
N ALA B 789 -9.37 -12.84 9.86
CA ALA B 789 -10.43 -13.50 10.62
C ALA B 789 -11.13 -14.56 9.79
N ASN B 790 -11.60 -14.18 8.61
CA ASN B 790 -12.30 -15.10 7.72
C ASN B 790 -11.43 -16.29 7.34
N CYS B 791 -10.17 -16.01 7.00
CA CYS B 791 -9.21 -17.06 6.68
C CYS B 791 -9.14 -18.06 7.84
N SER B 792 -8.97 -17.53 9.05
CA SER B 792 -8.94 -18.36 10.25
C SER B 792 -10.21 -19.20 10.40
N VAL B 793 -11.37 -18.56 10.31
CA VAL B 793 -12.65 -19.25 10.43
C VAL B 793 -12.78 -20.40 9.43
N MET B 794 -12.55 -20.08 8.16
CA MET B 794 -12.70 -21.05 7.09
C MET B 794 -11.68 -22.19 7.24
N ARG B 795 -10.46 -21.84 7.63
CA ARG B 795 -9.44 -22.86 7.89
C ARG B 795 -9.90 -23.78 9.01
N PHE B 796 -10.44 -23.20 10.08
CA PHE B 796 -10.97 -24.00 11.18
C PHE B 796 -12.07 -24.93 10.71
N LEU B 797 -13.03 -24.40 9.96
CA LEU B 797 -14.10 -25.24 9.43
C LEU B 797 -13.54 -26.40 8.61
N ARG B 798 -12.62 -26.08 7.70
CA ARG B 798 -11.98 -27.11 6.88
C ARG B 798 -11.33 -28.21 7.72
N ASP B 799 -10.43 -27.81 8.62
CA ASP B 799 -9.73 -28.80 9.44
C ASP B 799 -10.68 -29.58 10.32
N LEU B 800 -11.64 -28.87 10.91
CA LEU B 800 -12.63 -29.48 11.78
C LEU B 800 -13.38 -30.58 11.05
N ILE B 801 -13.91 -30.26 9.87
CA ILE B 801 -14.63 -31.28 9.11
C ILE B 801 -13.65 -32.34 8.61
N HIS B 802 -12.43 -31.93 8.29
CA HIS B 802 -11.45 -32.86 7.71
C HIS B 802 -11.00 -33.92 8.70
N THR B 803 -10.92 -33.58 9.99
CA THR B 803 -10.49 -34.56 10.99
C THR B 803 -11.37 -35.79 11.04
N GLY B 804 -12.56 -35.72 10.43
CA GLY B 804 -13.48 -36.85 10.39
C GLY B 804 -13.22 -37.82 9.24
N VAL B 805 -12.26 -37.48 8.39
CA VAL B 805 -11.92 -38.31 7.23
C VAL B 805 -10.40 -38.31 7.02
N ALA B 806 -9.67 -38.06 8.10
CA ALA B 806 -8.22 -37.96 8.06
C ALA B 806 -7.57 -39.05 8.91
N ASN B 807 -6.38 -39.47 8.50
CA ASN B 807 -5.58 -40.42 9.27
C ASN B 807 -6.36 -41.67 9.70
N ASP B 808 -6.81 -42.45 8.73
CA ASP B 808 -7.55 -43.67 9.01
C ASP B 808 -6.66 -44.68 9.74
N HIS B 809 -5.39 -44.71 9.35
CA HIS B 809 -4.40 -45.60 9.95
C HIS B 809 -4.26 -45.39 11.46
N GLU B 810 -4.66 -44.21 11.93
CA GLU B 810 -4.46 -43.82 13.32
C GLU B 810 -5.57 -44.36 14.23
N GLU B 811 -5.25 -44.56 15.50
CA GLU B 811 -6.13 -45.26 16.44
C GLU B 811 -7.46 -44.55 16.68
N ASP B 812 -7.42 -43.23 16.90
CA ASP B 812 -8.62 -42.48 17.27
C ASP B 812 -9.50 -42.11 16.07
N PHE B 813 -9.21 -42.68 14.91
CA PHE B 813 -9.94 -42.31 13.70
C PHE B 813 -11.44 -42.61 13.80
N GLU B 814 -11.76 -43.81 14.24
CA GLU B 814 -13.16 -44.24 14.31
C GLU B 814 -13.92 -43.34 15.25
N LEU B 815 -13.31 -43.08 16.40
CA LEU B 815 -13.87 -42.16 17.39
C LEU B 815 -14.11 -40.78 16.76
N ARG B 816 -13.05 -40.21 16.20
CA ARG B 816 -13.13 -38.92 15.53
C ARG B 816 -14.19 -38.91 14.44
N LYS B 817 -14.22 -39.96 13.65
CA LYS B 817 -15.15 -40.09 12.53
C LYS B 817 -16.60 -39.94 12.95
N GLU B 818 -17.00 -40.71 13.97
CA GLU B 818 -18.37 -40.64 14.45
C GLU B 818 -18.64 -39.38 15.26
N LEU B 819 -17.61 -38.87 15.93
CA LEU B 819 -17.74 -37.61 16.65
C LEU B 819 -18.10 -36.49 15.69
N ILE B 820 -17.37 -36.39 14.59
CA ILE B 820 -17.68 -35.42 13.54
C ILE B 820 -19.06 -35.68 12.97
N GLY B 821 -19.41 -36.95 12.84
CA GLY B 821 -20.74 -37.35 12.41
C GLY B 821 -21.83 -36.77 13.30
N GLN B 822 -21.60 -36.83 14.61
CA GLN B 822 -22.54 -36.26 15.57
C GLN B 822 -22.61 -34.74 15.42
N VAL B 823 -21.45 -34.11 15.34
CA VAL B 823 -21.35 -32.66 15.21
C VAL B 823 -21.83 -32.22 13.83
N MET B 824 -21.99 -33.17 12.92
CA MET B 824 -22.54 -32.90 11.60
C MET B 824 -24.06 -33.10 11.59
N ASN B 825 -24.53 -34.11 12.32
CA ASN B 825 -25.97 -34.37 12.45
C ASN B 825 -26.74 -33.10 12.79
N GLN B 826 -26.16 -32.31 13.69
CA GLN B 826 -26.62 -30.97 13.97
C GLN B 826 -25.68 -29.98 13.28
N LEU B 827 -26.18 -28.78 12.99
CA LEU B 827 -25.34 -27.69 12.47
C LEU B 827 -24.74 -27.93 11.07
N GLY B 828 -24.95 -29.10 10.47
CA GLY B 828 -24.46 -29.38 9.13
C GLY B 828 -25.22 -28.60 8.08
N GLN B 829 -26.53 -28.83 8.05
CA GLN B 829 -27.44 -28.10 7.18
C GLN B 829 -27.19 -26.60 7.33
N GLN B 830 -27.17 -26.16 8.59
CA GLN B 830 -26.95 -24.77 8.94
C GLN B 830 -25.67 -24.26 8.30
N LEU B 831 -24.60 -25.03 8.46
CA LEU B 831 -23.30 -24.67 7.89
C LEU B 831 -23.40 -24.48 6.38
N VAL B 832 -23.93 -25.50 5.70
CA VAL B 832 -24.04 -25.43 4.23
C VAL B 832 -24.86 -24.20 3.78
N SER B 833 -26.04 -24.04 4.38
CA SER B 833 -26.93 -22.93 4.03
C SER B 833 -26.26 -21.58 4.26
N GLN B 834 -25.67 -21.42 5.44
CA GLN B 834 -24.98 -20.19 5.79
C GLN B 834 -23.87 -19.91 4.79
N LEU B 835 -23.08 -20.94 4.48
CA LEU B 835 -21.98 -20.79 3.52
C LEU B 835 -22.51 -20.32 2.16
N LEU B 836 -23.55 -20.97 1.66
CA LEU B 836 -24.14 -20.57 0.38
C LEU B 836 -24.60 -19.10 0.42
N HIS B 837 -25.38 -18.75 1.44
CA HIS B 837 -25.83 -17.37 1.61
C HIS B 837 -24.66 -16.39 1.65
N THR B 838 -23.62 -16.75 2.41
CA THR B 838 -22.45 -15.90 2.55
C THR B 838 -21.76 -15.69 1.20
N CYS B 839 -21.55 -16.78 0.48
CA CYS B 839 -20.92 -16.70 -0.84
C CYS B 839 -21.72 -15.82 -1.77
N CYS B 840 -23.03 -16.05 -1.81
CA CYS B 840 -23.90 -15.31 -2.73
C CYS B 840 -24.04 -13.83 -2.38
N PHE B 841 -24.25 -13.51 -1.10
CA PHE B 841 -24.69 -12.17 -0.71
C PHE B 841 -23.68 -11.34 0.09
N CYS B 842 -22.90 -11.99 0.94
CA CYS B 842 -22.07 -11.28 1.91
C CYS B 842 -20.65 -10.97 1.40
N LEU B 843 -19.87 -12.01 1.14
CA LEU B 843 -18.44 -11.83 0.92
C LEU B 843 -18.04 -11.76 -0.56
N PRO B 844 -16.97 -10.99 -0.88
CA PRO B 844 -16.38 -10.98 -2.23
C PRO B 844 -15.75 -12.33 -2.59
N PRO B 845 -15.34 -12.50 -3.85
CA PRO B 845 -14.99 -13.84 -4.36
C PRO B 845 -13.78 -14.51 -3.72
N TYR B 846 -12.91 -13.76 -3.04
CA TYR B 846 -11.64 -14.32 -2.57
C TYR B 846 -11.83 -15.48 -1.60
N THR B 847 -13.06 -15.67 -1.11
CA THR B 847 -13.36 -16.75 -0.18
C THR B 847 -13.76 -18.04 -0.88
N LEU B 848 -14.23 -17.94 -2.11
CA LEU B 848 -14.84 -19.08 -2.79
C LEU B 848 -13.96 -20.32 -2.79
N PRO B 849 -12.63 -20.14 -2.92
CA PRO B 849 -11.78 -21.32 -2.74
C PRO B 849 -11.87 -21.90 -1.33
N ASP B 850 -11.75 -21.06 -0.31
CA ASP B 850 -11.79 -21.52 1.08
C ASP B 850 -13.12 -22.19 1.41
N VAL B 851 -14.22 -21.58 0.97
CA VAL B 851 -15.54 -22.18 1.17
C VAL B 851 -15.63 -23.50 0.43
N ALA B 852 -15.06 -23.54 -0.77
CA ALA B 852 -15.06 -24.77 -1.56
C ALA B 852 -14.34 -25.89 -0.82
N GLU B 853 -13.22 -25.54 -0.18
CA GLU B 853 -12.45 -26.53 0.57
C GLU B 853 -13.26 -27.09 1.74
N VAL B 854 -14.09 -26.24 2.34
CA VAL B 854 -14.99 -26.69 3.40
C VAL B 854 -16.03 -27.63 2.82
N LEU B 855 -16.82 -27.12 1.87
CA LEU B 855 -17.86 -27.91 1.21
C LEU B 855 -17.32 -29.24 0.70
N TRP B 856 -16.11 -29.21 0.16
CA TRP B 856 -15.46 -30.41 -0.36
C TRP B 856 -15.23 -31.42 0.76
N GLU B 857 -14.98 -30.91 1.96
CA GLU B 857 -14.69 -31.77 3.10
C GLU B 857 -15.97 -32.39 3.63
N ILE B 858 -17.04 -31.60 3.63
CA ILE B 858 -18.36 -32.06 4.04
C ILE B 858 -18.81 -33.22 3.16
N MET B 859 -18.56 -33.09 1.85
CA MET B 859 -18.94 -34.12 0.89
C MET B 859 -18.25 -35.44 1.17
N GLN B 860 -16.94 -35.38 1.39
CA GLN B 860 -16.15 -36.59 1.62
C GLN B 860 -16.51 -37.27 2.94
N VAL B 861 -17.15 -36.53 3.84
CA VAL B 861 -17.63 -37.10 5.09
C VAL B 861 -18.93 -37.86 4.85
N ASP B 862 -19.86 -37.23 4.15
CA ASP B 862 -21.15 -37.84 3.83
C ASP B 862 -21.80 -37.12 2.65
N ARG B 863 -21.55 -37.62 1.44
CA ARG B 863 -22.00 -36.96 0.21
C ARG B 863 -23.53 -36.97 0.02
N PRO B 864 -24.17 -38.15 0.17
CA PRO B 864 -25.61 -38.18 -0.11
C PRO B 864 -26.43 -37.26 0.79
N THR B 865 -26.01 -37.06 2.03
CA THR B 865 -26.71 -36.13 2.92
C THR B 865 -26.39 -34.69 2.51
N PHE B 866 -25.15 -34.46 2.10
CA PHE B 866 -24.73 -33.15 1.63
C PHE B 866 -25.55 -32.72 0.43
N CYS B 867 -25.86 -33.67 -0.45
CA CYS B 867 -26.73 -33.39 -1.59
C CYS B 867 -28.05 -32.76 -1.14
N ARG B 868 -28.70 -33.39 -0.16
CA ARG B 868 -29.99 -32.91 0.31
C ARG B 868 -29.83 -31.61 1.08
N TRP B 869 -28.74 -31.49 1.84
CA TRP B 869 -28.44 -30.23 2.51
C TRP B 869 -28.34 -29.08 1.51
N LEU B 870 -27.59 -29.29 0.44
CA LEU B 870 -27.41 -28.29 -0.61
C LEU B 870 -28.74 -28.00 -1.31
N GLU B 871 -29.51 -29.05 -1.59
CA GLU B 871 -30.84 -28.87 -2.15
C GLU B 871 -31.69 -27.95 -1.27
N ASN B 872 -31.76 -28.29 0.02
CA ASN B 872 -32.50 -27.49 0.99
C ASN B 872 -31.99 -26.06 1.04
N SER B 873 -30.67 -25.91 1.01
CA SER B 873 -30.05 -24.58 1.00
C SER B 873 -30.52 -23.80 -0.22
N LEU B 874 -30.52 -24.45 -1.38
CA LEU B 874 -30.97 -23.81 -2.61
C LEU B 874 -32.46 -23.51 -2.58
N LYS B 875 -33.23 -24.37 -1.92
CA LYS B 875 -34.66 -24.12 -1.75
C LYS B 875 -34.92 -22.81 -1.01
N GLY B 876 -34.11 -22.54 0.01
CA GLY B 876 -34.29 -21.37 0.85
C GLY B 876 -33.40 -20.20 0.48
N LEU B 877 -33.06 -20.11 -0.80
CA LEU B 877 -32.23 -19.02 -1.31
C LEU B 877 -33.08 -18.00 -2.06
N PRO B 878 -32.98 -16.71 -1.68
CA PRO B 878 -33.74 -15.72 -2.45
C PRO B 878 -33.17 -15.49 -3.85
N LYS B 879 -34.01 -15.66 -4.86
CA LYS B 879 -33.56 -15.63 -6.25
C LYS B 879 -33.73 -14.24 -6.89
N GLU B 880 -34.64 -13.44 -6.36
CA GLU B 880 -34.99 -12.15 -6.97
C GLU B 880 -33.96 -11.06 -6.72
N THR B 881 -34.15 -9.93 -7.38
CA THR B 881 -33.25 -8.78 -7.25
C THR B 881 -31.82 -9.15 -7.62
N THR B 887 -33.10 -12.18 -11.85
CA THR B 887 -33.65 -13.45 -11.40
C THR B 887 -32.79 -14.63 -11.84
N VAL B 888 -32.41 -15.48 -10.88
CA VAL B 888 -31.68 -16.70 -11.18
C VAL B 888 -32.67 -17.77 -11.62
N THR B 889 -32.36 -18.41 -12.76
CA THR B 889 -33.26 -19.36 -13.37
C THR B 889 -32.98 -20.79 -12.93
N HIS B 890 -33.94 -21.68 -13.19
CA HIS B 890 -33.69 -23.11 -13.11
C HIS B 890 -32.64 -23.45 -14.16
N LYS B 891 -32.04 -24.64 -14.04
CA LYS B 891 -30.93 -25.05 -14.91
C LYS B 891 -29.67 -24.20 -14.64
N GLN B 892 -29.73 -23.36 -13.61
CA GLN B 892 -28.55 -22.70 -13.08
C GLN B 892 -28.41 -23.11 -11.61
N LEU B 893 -29.55 -23.31 -10.97
CA LEU B 893 -29.59 -23.94 -9.66
C LEU B 893 -29.26 -25.42 -9.80
N THR B 894 -29.93 -26.06 -10.76
CA THR B 894 -29.74 -27.47 -11.04
C THR B 894 -28.30 -27.75 -11.44
N ASP B 895 -27.78 -26.97 -12.38
CA ASP B 895 -26.41 -27.14 -12.85
C ASP B 895 -25.41 -26.89 -11.73
N PHE B 896 -25.70 -25.93 -10.87
CA PHE B 896 -24.85 -25.64 -9.71
C PHE B 896 -24.82 -26.86 -8.78
N HIS B 897 -26.00 -27.29 -8.36
CA HIS B 897 -26.15 -28.44 -7.48
C HIS B 897 -25.47 -29.68 -8.07
N LYS B 898 -25.69 -29.91 -9.36
CA LYS B 898 -25.10 -31.07 -10.03
C LYS B 898 -23.59 -30.96 -10.10
N GLN B 899 -23.09 -29.78 -10.52
CA GLN B 899 -21.66 -29.55 -10.61
C GLN B 899 -20.99 -29.80 -9.28
N VAL B 900 -21.53 -29.22 -8.22
CA VAL B 900 -20.95 -29.38 -6.89
C VAL B 900 -21.04 -30.82 -6.40
N THR B 901 -22.24 -31.38 -6.39
CA THR B 901 -22.45 -32.71 -5.80
C THR B 901 -21.74 -33.83 -6.57
N SER B 902 -21.46 -33.61 -7.86
CA SER B 902 -20.81 -34.62 -8.68
C SER B 902 -19.32 -34.36 -8.84
N ALA B 903 -18.80 -33.40 -8.07
CA ALA B 903 -17.39 -33.03 -8.15
C ALA B 903 -16.50 -34.14 -7.58
N GLU B 904 -15.33 -34.30 -8.17
CA GLU B 904 -14.33 -35.25 -7.68
C GLU B 904 -13.05 -34.49 -7.33
N GLU B 905 -13.19 -33.19 -7.07
CA GLU B 905 -12.08 -32.34 -6.71
C GLU B 905 -12.61 -30.98 -6.28
N CYS B 906 -11.94 -30.35 -5.31
CA CYS B 906 -12.39 -29.07 -4.76
C CYS B 906 -12.44 -27.96 -5.81
N LYS B 907 -11.51 -28.02 -6.75
CA LYS B 907 -11.44 -27.04 -7.84
C LYS B 907 -12.75 -26.95 -8.61
N GLN B 908 -13.39 -28.09 -8.83
CA GLN B 908 -14.69 -28.12 -9.50
C GLN B 908 -15.73 -27.37 -8.69
N VAL B 909 -15.75 -27.66 -7.39
CA VAL B 909 -16.67 -26.99 -6.47
C VAL B 909 -16.42 -25.48 -6.51
N CYS B 910 -15.15 -25.10 -6.53
CA CYS B 910 -14.78 -23.69 -6.62
C CYS B 910 -15.31 -23.04 -7.90
N TRP B 911 -15.04 -23.67 -9.04
CA TRP B 911 -15.53 -23.15 -10.31
C TRP B 911 -17.05 -23.05 -10.31
N ALA B 912 -17.72 -24.08 -9.82
CA ALA B 912 -19.17 -24.06 -9.69
C ALA B 912 -19.63 -22.87 -8.85
N LEU B 913 -18.98 -22.69 -7.70
CA LEU B 913 -19.29 -21.56 -6.82
C LEU B 913 -19.08 -20.22 -7.51
N ARG B 914 -18.01 -20.10 -8.29
CA ARG B 914 -17.80 -18.87 -9.05
C ARG B 914 -18.92 -18.64 -10.06
N ASP B 915 -19.18 -19.64 -10.89
CA ASP B 915 -20.24 -19.55 -11.90
C ASP B 915 -21.57 -19.18 -11.26
N PHE B 916 -21.88 -19.80 -10.13
CA PHE B 916 -23.15 -19.54 -9.44
C PHE B 916 -23.17 -18.18 -8.76
N THR B 917 -22.02 -17.79 -8.20
CA THR B 917 -21.91 -16.52 -7.48
C THR B 917 -22.04 -15.34 -8.43
N ARG B 918 -21.43 -15.44 -9.61
CA ARG B 918 -21.49 -14.36 -10.59
C ARG B 918 -22.93 -13.93 -10.92
N LEU B 919 -23.88 -14.84 -10.78
CA LEU B 919 -25.27 -14.56 -11.12
C LEU B 919 -25.86 -13.48 -10.23
N PHE B 920 -25.50 -13.50 -8.96
CA PHE B 920 -25.99 -12.51 -8.00
C PHE B 920 -25.12 -11.26 -8.00
N ARG B 921 -24.25 -11.15 -9.00
CA ARG B 921 -23.31 -10.03 -9.09
C ARG B 921 -22.47 -9.90 -7.81
#